data_6IG1
#
_entry.id   6IG1
#
_cell.length_a   86.380
_cell.length_b   57.160
_cell.length_c   110.580
_cell.angle_alpha   90.00
_cell.angle_beta   94.49
_cell.angle_gamma   90.00
#
_symmetry.space_group_name_H-M   'P 1 21 1'
#
loop_
_entity.id
_entity.type
_entity.pdbx_description
1 polymer 'DNA polymerase IV'
2 polymer DTN3
3 non-polymer 'MAGNESIUM ION'
4 non-polymer DIPHOSPHATE
5 non-polymer "THYMIDINE-5'-TRIPHOSPHATE"
6 water water
#
loop_
_entity_poly.entity_id
_entity_poly.type
_entity_poly.pdbx_seq_one_letter_code
_entity_poly.pdbx_strand_id
1 'polypeptide(L)'
;GSRKIIHVDMDCFFAAVEMRDNPALRDIPIAIGGSRERRGVISTANYPARKFGVRSAMPTGMALKLCPHLTLLPGRFDAY
KEASNHIREIFSRYTSRIEPLSLDEAYLDVTDSVHCHGSATLIAQEIRQTIFNELQLTASAGVAPVKFLAKIASDMNKPN
GQFVITPAEVPAFLQTLPLAKIPGVGKVSAAKLEAMGLRTCGDVQKCDLVMLLKRFGKFGRILWERSQGIDERDVNSERL
RKSVGVERTMAEDIHHWSECEAIIERLYPELERRLAKVKPDLLIARQGVKLKFDDFQQTTQEHVWPRLNKADLIATARKT
WDERRGGRGVRLVGLHVTLLDPQMERQLVLGL
;
F,A
2 'polydeoxyribonucleotide' (DT)(DC)(DT)(DA)(DG)(DG)(DG)(DT)(DC)(DC)(DT)(DA)(DG)(DG)(DA)(DC)(DC)(DC)(DT) G,H,B,C
#
loop_
_chem_comp.id
_chem_comp.type
_chem_comp.name
_chem_comp.formula
DA DNA linking 2'-DEOXYADENOSINE-5'-MONOPHOSPHATE 'C10 H14 N5 O6 P'
DC DNA linking 2'-DEOXYCYTIDINE-5'-MONOPHOSPHATE 'C9 H14 N3 O7 P'
DG DNA linking 2'-DEOXYGUANOSINE-5'-MONOPHOSPHATE 'C10 H14 N5 O7 P'
DPO non-polymer DIPHOSPHATE 'O7 P2 -4'
DT DNA linking THYMIDINE-5'-MONOPHOSPHATE 'C10 H15 N2 O8 P'
MG non-polymer 'MAGNESIUM ION' 'Mg 2'
TTP non-polymer THYMIDINE-5'-TRIPHOSPHATE 'C10 H17 N2 O14 P3'
#
# COMPACT_ATOMS: atom_id res chain seq x y z
N GLY A 1 25.14 14.91 -36.19
CA GLY A 1 24.12 15.76 -35.59
C GLY A 1 24.19 15.85 -34.08
N SER A 2 25.40 15.97 -33.55
CA SER A 2 25.63 15.92 -32.10
C SER A 2 25.64 17.34 -31.53
N ARG A 3 24.75 17.59 -30.58
CA ARG A 3 24.67 18.90 -29.94
C ARG A 3 25.72 19.02 -28.84
N LYS A 4 26.02 20.25 -28.45
CA LYS A 4 26.85 20.54 -27.28
C LYS A 4 25.96 21.25 -26.24
N ILE A 5 25.71 20.58 -25.12
CA ILE A 5 24.86 21.12 -24.06
C ILE A 5 25.68 21.28 -22.79
N ILE A 6 25.63 22.48 -22.20
CA ILE A 6 26.27 22.79 -20.92
C ILE A 6 25.17 22.90 -19.87
N HIS A 7 25.41 22.30 -18.71
CA HIS A 7 24.62 22.58 -17.52
C HIS A 7 25.52 23.29 -16.51
N VAL A 8 25.15 24.51 -16.15
CA VAL A 8 25.89 25.32 -15.18
C VAL A 8 25.08 25.35 -13.89
N ASP A 9 25.78 25.21 -12.76
CA ASP A 9 25.12 25.00 -11.46
C ASP A 9 25.96 25.64 -10.37
N MET A 10 25.41 26.60 -9.64
CA MET A 10 26.16 27.30 -8.60
C MET A 10 26.40 26.37 -7.41
N ASP A 11 27.57 26.53 -6.76
CA ASP A 11 27.93 25.70 -5.61
C ASP A 11 27.31 26.26 -4.33
N CYS A 12 26.65 25.39 -3.56
CA CYS A 12 26.03 25.73 -2.27
C CYS A 12 25.39 27.10 -2.33
N PHE A 13 24.55 27.31 -3.34
CA PHE A 13 24.18 28.64 -3.80
C PHE A 13 23.83 29.58 -2.64
N PHE A 14 22.76 29.29 -1.89
CA PHE A 14 22.33 30.24 -0.85
C PHE A 14 23.46 30.49 0.16
N ALA A 15 24.07 29.41 0.64
CA ALA A 15 25.16 29.53 1.62
C ALA A 15 26.36 30.25 1.03
N ALA A 16 26.72 29.95 -0.24
CA ALA A 16 27.83 30.65 -0.86
C ALA A 16 27.59 32.15 -0.89
N VAL A 17 26.33 32.57 -1.11
CA VAL A 17 26.03 33.99 -1.11
C VAL A 17 26.19 34.58 0.29
N GLU A 18 25.74 33.86 1.32
CA GLU A 18 25.86 34.38 2.69
C GLU A 18 27.32 34.47 3.12
N MET A 19 28.18 33.56 2.64
CA MET A 19 29.58 33.63 3.04
C MET A 19 30.30 34.77 2.34
N ARG A 20 29.99 34.99 1.06
CA ARG A 20 30.55 36.15 0.37
C ARG A 20 30.20 37.43 1.10
N ASP A 21 28.92 37.61 1.44
CA ASP A 21 28.48 38.84 2.07
C ASP A 21 28.81 38.91 3.57
N ASN A 22 29.29 37.83 4.17
CA ASN A 22 29.75 37.86 5.56
C ASN A 22 30.87 36.86 5.73
N PRO A 23 32.12 37.28 5.52
CA PRO A 23 33.23 36.32 5.51
C PRO A 23 33.40 35.59 6.83
N ALA A 24 32.77 36.07 7.91
CA ALA A 24 32.86 35.36 9.18
C ALA A 24 32.25 33.97 9.09
N LEU A 25 31.36 33.74 8.13
CA LEU A 25 30.67 32.46 8.00
C LEU A 25 31.44 31.46 7.17
N ARG A 26 32.61 31.85 6.64
CA ARG A 26 33.29 31.03 5.64
C ARG A 26 33.71 29.67 6.19
N ASP A 27 34.23 29.62 7.41
CA ASP A 27 34.81 28.37 7.86
C ASP A 27 34.05 27.71 9.01
N ILE A 28 32.86 28.21 9.34
CA ILE A 28 32.05 27.55 10.36
C ILE A 28 30.86 26.88 9.67
N PRO A 29 30.26 25.87 10.27
CA PRO A 29 29.09 25.22 9.65
C PRO A 29 27.88 26.14 9.68
N ILE A 30 27.34 26.46 8.50
CA ILE A 30 26.15 27.29 8.40
C ILE A 30 25.10 26.60 7.53
N ALA A 31 23.86 27.08 7.61
CA ALA A 31 22.79 26.54 6.79
C ALA A 31 21.65 27.54 6.75
N ILE A 32 21.03 27.66 5.58
CA ILE A 32 19.79 28.41 5.44
C ILE A 32 18.64 27.45 5.74
N GLY A 33 17.82 27.79 6.72
CA GLY A 33 16.64 27.00 6.99
C GLY A 33 15.90 27.56 8.20
N GLY A 34 14.65 27.14 8.34
CA GLY A 34 13.84 27.57 9.46
C GLY A 34 14.27 26.90 10.76
N SER A 35 14.02 27.58 11.87
CA SER A 35 14.48 27.07 13.15
C SER A 35 13.74 25.79 13.51
N ARG A 36 14.33 25.05 14.45
CA ARG A 36 13.65 23.90 15.02
C ARG A 36 12.31 24.33 15.63
N GLU A 37 12.28 25.50 16.25
CA GLU A 37 11.03 25.98 16.85
C GLU A 37 10.00 26.32 15.78
N ARG A 38 10.44 26.70 14.59
CA ARG A 38 9.51 26.93 13.48
C ARG A 38 9.22 25.66 12.71
N ARG A 39 9.70 24.50 13.18
CA ARG A 39 9.54 23.21 12.50
C ARG A 39 10.14 23.23 11.10
N GLY A 40 11.29 23.89 10.96
CA GLY A 40 11.88 24.15 9.66
C GLY A 40 12.75 23.02 9.12
N VAL A 41 13.17 23.19 7.87
CA VAL A 41 14.13 22.28 7.24
C VAL A 41 15.26 23.11 6.63
N ILE A 42 16.32 22.40 6.27
CA ILE A 42 17.49 23.02 5.70
C ILE A 42 17.25 23.25 4.22
N SER A 43 17.47 24.48 3.76
CA SER A 43 17.40 24.72 2.33
C SER A 43 18.70 24.28 1.68
N THR A 44 19.81 24.68 2.27
CA THR A 44 21.13 24.21 1.87
C THR A 44 22.09 24.51 3.02
N ALA A 45 23.31 23.97 2.89
CA ALA A 45 24.34 24.16 3.91
C ALA A 45 25.68 24.30 3.21
N ASN A 46 26.62 24.94 3.90
CA ASN A 46 27.97 25.06 3.38
C ASN A 46 28.72 23.75 3.60
N TYR A 47 29.97 23.66 3.09
CA TYR A 47 30.71 22.40 3.20
C TYR A 47 31.14 22.11 4.64
N PRO A 48 31.53 23.08 5.45
CA PRO A 48 31.74 22.78 6.87
C PRO A 48 30.54 22.11 7.55
N ALA A 49 29.31 22.53 7.25
CA ALA A 49 28.16 21.83 7.81
C ALA A 49 27.87 20.51 7.10
N ARG A 50 28.12 20.41 5.77
CA ARG A 50 27.85 19.14 5.08
C ARG A 50 28.73 18.02 5.62
N LYS A 51 29.96 18.36 6.02
CA LYS A 51 30.86 17.40 6.67
C LYS A 51 30.15 16.65 7.80
N PHE A 52 29.25 17.31 8.53
CA PHE A 52 28.57 16.62 9.61
C PHE A 52 27.38 15.80 9.13
N GLY A 53 27.12 15.74 7.83
CA GLY A 53 25.93 15.09 7.31
C GLY A 53 24.74 16.00 7.05
N VAL A 54 24.89 17.30 7.25
CA VAL A 54 23.78 18.24 7.03
C VAL A 54 23.47 18.29 5.54
N ARG A 55 22.18 18.14 5.17
CA ARG A 55 21.79 18.10 3.76
C ARG A 55 20.54 18.94 3.52
N SER A 56 20.38 19.42 2.29
CA SER A 56 19.12 20.04 1.85
C SER A 56 17.95 19.10 2.12
N ALA A 57 16.82 19.68 2.55
CA ALA A 57 15.57 19.00 2.89
C ALA A 57 15.62 18.27 4.22
N MET A 58 16.76 18.26 4.91
CA MET A 58 16.78 17.61 6.21
C MET A 58 16.01 18.43 7.24
N PRO A 59 15.20 17.79 8.07
CA PRO A 59 14.54 18.54 9.16
C PRO A 59 15.57 19.19 10.07
N THR A 60 15.31 20.46 10.41
CA THR A 60 16.35 21.25 11.07
C THR A 60 16.71 20.67 12.44
N GLY A 61 15.76 19.99 13.09
CA GLY A 61 16.10 19.26 14.31
C GLY A 61 17.12 18.17 14.08
N MET A 62 17.05 17.48 12.95
CA MET A 62 18.07 16.47 12.67
C MET A 62 19.39 17.13 12.32
N ALA A 63 19.36 18.23 11.57
CA ALA A 63 20.59 18.94 11.23
C ALA A 63 21.36 19.33 12.48
N LEU A 64 20.63 19.76 13.50
CA LEU A 64 21.24 20.24 14.72
C LEU A 64 21.73 19.10 15.61
N LYS A 65 21.11 17.92 15.50
CA LYS A 65 21.64 16.76 16.20
C LYS A 65 22.97 16.33 15.60
N LEU A 66 23.06 16.34 14.26
CA LEU A 66 24.32 15.99 13.62
C LEU A 66 25.37 17.05 13.84
N CYS A 67 24.97 18.32 13.90
CA CYS A 67 25.89 19.45 13.91
C CYS A 67 25.43 20.47 14.94
N PRO A 68 25.73 20.24 16.23
CA PRO A 68 25.21 21.12 17.29
C PRO A 68 25.59 22.58 17.16
N HIS A 69 26.74 22.91 16.57
CA HIS A 69 27.13 24.31 16.38
C HIS A 69 26.60 24.91 15.08
N LEU A 70 25.67 24.25 14.40
CA LEU A 70 25.17 24.77 13.12
C LEU A 70 24.66 26.18 13.30
N THR A 71 25.12 27.11 12.46
CA THR A 71 24.59 28.46 12.49
C THR A 71 23.45 28.57 11.49
N LEU A 72 22.27 28.96 11.96
CA LEU A 72 21.06 28.97 11.15
C LEU A 72 20.78 30.37 10.62
N LEU A 73 20.53 30.48 9.31
CA LEU A 73 20.26 31.76 8.69
C LEU A 73 18.89 31.75 8.04
N PRO A 74 18.20 32.89 7.98
CA PRO A 74 16.83 32.91 7.45
C PRO A 74 16.75 32.93 5.93
N GLY A 75 17.72 33.51 5.26
CA GLY A 75 17.63 33.61 3.82
C GLY A 75 17.31 35.02 3.37
N ARG A 76 18.01 35.46 2.33
CA ARG A 76 17.88 36.81 1.75
C ARG A 76 17.55 36.63 0.28
N PHE A 77 16.27 36.46 -0.02
CA PHE A 77 15.93 36.00 -1.36
C PHE A 77 16.22 37.04 -2.42
N ASP A 78 16.12 38.34 -2.11
CA ASP A 78 16.51 39.34 -3.09
C ASP A 78 18.01 39.24 -3.43
N ALA A 79 18.84 38.83 -2.47
CA ALA A 79 20.26 38.67 -2.77
C ALA A 79 20.49 37.50 -3.70
N TYR A 80 19.75 36.41 -3.50
CA TYR A 80 19.90 35.25 -4.38
C TYR A 80 19.38 35.56 -5.77
N LYS A 81 18.24 36.26 -5.84
CA LYS A 81 17.67 36.65 -7.12
C LYS A 81 18.63 37.55 -7.89
N GLU A 82 19.30 38.46 -7.18
CA GLU A 82 20.25 39.35 -7.84
C GLU A 82 21.40 38.56 -8.45
N ALA A 83 21.96 37.62 -7.69
CA ALA A 83 23.05 36.81 -8.23
C ALA A 83 22.53 35.93 -9.38
N SER A 84 21.29 35.45 -9.26
CA SER A 84 20.68 34.70 -10.36
C SER A 84 20.61 35.53 -11.63
N ASN A 85 20.06 36.75 -11.53
CA ASN A 85 19.99 37.61 -12.70
C ASN A 85 21.38 37.82 -13.30
N HIS A 86 22.38 38.01 -12.45
CA HIS A 86 23.73 38.29 -12.94
C HIS A 86 24.27 37.10 -13.74
N ILE A 87 24.14 35.88 -13.22
CA ILE A 87 24.74 34.77 -13.97
C ILE A 87 23.97 34.52 -15.27
N ARG A 88 22.66 34.76 -15.29
CA ARG A 88 21.91 34.59 -16.52
C ARG A 88 22.35 35.60 -17.57
N GLU A 89 22.62 36.84 -17.14
CA GLU A 89 23.19 37.82 -18.06
C GLU A 89 24.57 37.37 -18.55
N ILE A 90 25.35 36.75 -17.67
CA ILE A 90 26.64 36.20 -18.10
C ILE A 90 26.44 35.09 -19.13
N PHE A 91 25.45 34.21 -18.91
CA PHE A 91 25.10 33.20 -19.91
C PHE A 91 24.80 33.86 -21.24
N SER A 92 24.08 34.99 -21.22
CA SER A 92 23.62 35.62 -22.46
C SER A 92 24.79 36.10 -23.32
N ARG A 93 25.95 36.37 -22.71
CA ARG A 93 27.12 36.79 -23.49
C ARG A 93 27.61 35.69 -24.41
N TYR A 94 27.20 34.44 -24.17
CA TYR A 94 27.69 33.31 -24.94
C TYR A 94 26.67 32.71 -25.88
N THR A 95 25.39 32.77 -25.53
CA THR A 95 24.31 32.29 -26.37
C THR A 95 23.01 32.79 -25.77
N SER A 96 21.98 32.81 -26.61
CA SER A 96 20.60 33.04 -26.22
C SER A 96 19.85 31.74 -25.96
N ARG A 97 20.48 30.61 -26.25
CA ARG A 97 19.89 29.29 -26.04
C ARG A 97 20.10 28.93 -24.56
N ILE A 98 19.29 29.55 -23.70
CA ILE A 98 19.40 29.45 -22.25
C ILE A 98 18.07 28.97 -21.69
N GLU A 99 18.10 27.89 -20.91
CA GLU A 99 16.91 27.41 -20.23
C GLU A 99 17.20 27.33 -18.74
N PRO A 100 16.86 28.36 -17.95
CA PRO A 100 17.08 28.26 -16.51
C PRO A 100 16.12 27.25 -15.92
N LEU A 101 16.62 26.48 -14.95
CA LEU A 101 15.84 25.45 -14.28
C LEU A 101 15.47 25.84 -12.86
N SER A 102 16.02 26.94 -12.37
CA SER A 102 15.94 27.37 -10.98
C SER A 102 16.80 28.62 -10.91
N LEU A 103 16.85 29.27 -9.74
CA LEU A 103 17.68 30.46 -9.60
C LEU A 103 19.12 30.21 -10.04
N ASP A 104 19.69 29.08 -9.62
CA ASP A 104 21.14 28.90 -9.65
C ASP A 104 21.62 27.97 -10.76
N GLU A 105 20.78 27.63 -11.72
CA GLU A 105 21.24 26.70 -12.73
C GLU A 105 20.53 26.95 -14.05
N ALA A 106 21.17 26.49 -15.12
CA ALA A 106 20.61 26.64 -16.45
C ALA A 106 21.23 25.63 -17.40
N TYR A 107 20.46 25.21 -18.38
CA TYR A 107 21.03 24.61 -19.58
C TYR A 107 21.38 25.68 -20.59
N LEU A 108 22.45 25.41 -21.34
CA LEU A 108 22.90 26.21 -22.47
C LEU A 108 23.15 25.25 -23.64
N ASP A 109 22.60 25.57 -24.80
CA ASP A 109 22.91 24.84 -26.01
C ASP A 109 23.91 25.69 -26.79
N VAL A 110 25.17 25.27 -26.80
CA VAL A 110 26.21 26.02 -27.49
C VAL A 110 26.65 25.30 -28.77
N THR A 111 25.78 24.45 -29.32
CA THR A 111 26.09 23.71 -30.54
C THR A 111 26.52 24.65 -31.67
N ASP A 112 25.78 25.74 -31.85
CA ASP A 112 26.04 26.72 -32.90
C ASP A 112 26.82 27.93 -32.39
N SER A 113 27.52 27.80 -31.27
CA SER A 113 28.35 28.90 -30.81
C SER A 113 29.75 28.81 -31.43
N VAL A 114 30.35 29.98 -31.67
CA VAL A 114 31.74 30.02 -32.13
C VAL A 114 32.59 30.85 -31.19
N HIS A 115 32.15 30.97 -29.93
CA HIS A 115 33.08 31.36 -28.88
C HIS A 115 34.07 30.22 -28.63
N CYS A 116 35.26 30.57 -28.16
CA CYS A 116 36.27 29.60 -27.74
C CYS A 116 36.44 28.47 -28.75
N HIS A 117 36.51 28.85 -30.03
CA HIS A 117 36.76 27.90 -31.12
C HIS A 117 35.72 26.79 -31.15
N GLY A 118 34.50 27.14 -30.74
CA GLY A 118 33.40 26.20 -30.71
C GLY A 118 33.58 25.12 -29.65
N SER A 119 34.51 25.33 -28.73
CA SER A 119 34.78 24.36 -27.68
C SER A 119 33.82 24.56 -26.52
N ALA A 120 32.96 23.56 -26.29
CA ALA A 120 32.04 23.65 -25.16
C ALA A 120 32.80 23.58 -23.84
N THR A 121 33.89 22.82 -23.82
CA THR A 121 34.71 22.71 -22.61
C THR A 121 35.23 24.07 -22.18
N LEU A 122 35.74 24.85 -23.14
CA LEU A 122 36.34 26.13 -22.78
C LEU A 122 35.29 27.21 -22.57
N ILE A 123 34.14 27.10 -23.23
CA ILE A 123 33.03 28.00 -22.90
C ILE A 123 32.62 27.80 -21.44
N ALA A 124 32.46 26.54 -21.03
CA ALA A 124 32.03 26.25 -19.67
C ALA A 124 33.03 26.79 -18.66
N GLN A 125 34.32 26.62 -18.97
CA GLN A 125 35.37 27.13 -18.10
C GLN A 125 35.34 28.65 -18.03
N GLU A 126 35.21 29.30 -19.18
CA GLU A 126 35.16 30.75 -19.20
C GLU A 126 33.96 31.29 -18.44
N ILE A 127 32.82 30.61 -18.55
CA ILE A 127 31.62 31.00 -17.82
C ILE A 127 31.86 30.86 -16.32
N ARG A 128 32.41 29.72 -15.89
CA ARG A 128 32.66 29.55 -14.46
C ARG A 128 33.64 30.61 -13.96
N GLN A 129 34.63 30.96 -14.79
CA GLN A 129 35.64 31.91 -14.35
C GLN A 129 35.03 33.31 -14.25
N THR A 130 34.24 33.68 -15.26
CA THR A 130 33.60 34.99 -15.25
C THR A 130 32.67 35.13 -14.06
N ILE A 131 31.88 34.08 -13.77
CA ILE A 131 31.00 34.13 -12.62
C ILE A 131 31.81 34.39 -11.36
N PHE A 132 32.91 33.65 -11.18
CA PHE A 132 33.74 33.89 -10.00
C PHE A 132 34.31 35.30 -10.03
N ASN A 133 34.80 35.74 -11.20
CA ASN A 133 35.39 37.07 -11.31
C ASN A 133 34.39 38.15 -10.94
N GLU A 134 33.14 38.05 -11.40
CA GLU A 134 32.18 39.14 -11.27
C GLU A 134 31.24 39.02 -10.07
N LEU A 135 31.03 37.83 -9.53
CA LEU A 135 30.19 37.67 -8.35
C LEU A 135 30.90 37.11 -7.13
N GLN A 136 32.16 36.69 -7.26
CA GLN A 136 32.90 36.07 -6.15
C GLN A 136 32.14 34.87 -5.59
N LEU A 137 31.44 34.16 -6.48
CA LEU A 137 30.82 32.87 -6.17
C LEU A 137 31.36 31.85 -7.18
N THR A 138 31.49 30.60 -6.76
CA THR A 138 31.93 29.59 -7.70
C THR A 138 30.76 28.77 -8.21
N ALA A 139 30.95 28.19 -9.40
CA ALA A 139 29.98 27.39 -10.10
C ALA A 139 30.67 26.16 -10.65
N SER A 140 29.91 25.08 -10.79
CA SER A 140 30.38 23.90 -11.47
C SER A 140 29.63 23.72 -12.78
N ALA A 141 30.16 22.87 -13.66
CA ALA A 141 29.51 22.71 -14.96
C ALA A 141 29.62 21.28 -15.47
N GLY A 142 28.64 20.88 -16.25
CA GLY A 142 28.67 19.60 -16.94
C GLY A 142 28.51 19.85 -18.42
N VAL A 143 29.23 19.08 -19.24
CA VAL A 143 29.17 19.20 -20.70
C VAL A 143 28.86 17.82 -21.27
N ALA A 144 27.83 17.73 -22.10
CA ALA A 144 27.47 16.45 -22.71
C ALA A 144 26.66 16.70 -23.98
N PRO A 145 26.35 15.64 -24.74
CA PRO A 145 25.57 15.84 -25.97
C PRO A 145 24.08 15.97 -25.76
N VAL A 146 23.56 15.75 -24.54
CA VAL A 146 22.13 15.85 -24.25
C VAL A 146 21.98 16.41 -22.83
N LYS A 147 20.76 16.89 -22.54
CA LYS A 147 20.50 17.60 -21.29
C LYS A 147 20.85 16.76 -20.06
N PHE A 148 20.29 15.56 -19.95
CA PHE A 148 20.32 14.92 -18.64
C PHE A 148 21.74 14.50 -18.28
N LEU A 149 22.53 14.12 -19.28
CA LEU A 149 23.91 13.75 -19.03
C LEU A 149 24.74 14.97 -18.63
N ALA A 150 24.47 16.13 -19.23
CA ALA A 150 25.13 17.36 -18.84
C ALA A 150 24.82 17.72 -17.39
N LYS A 151 23.57 17.54 -16.98
CA LYS A 151 23.18 17.85 -15.60
C LYS A 151 23.82 16.88 -14.63
N ILE A 152 23.83 15.58 -14.95
CA ILE A 152 24.58 14.62 -14.13
C ILE A 152 26.04 15.04 -14.03
N ALA A 153 26.65 15.41 -15.17
CA ALA A 153 28.07 15.71 -15.17
C ALA A 153 28.43 16.93 -14.33
N SER A 154 27.52 17.89 -14.16
CA SER A 154 27.89 19.07 -13.38
C SER A 154 28.02 18.74 -11.91
N ASP A 155 27.45 17.62 -11.46
CA ASP A 155 27.60 17.21 -10.07
C ASP A 155 28.93 16.52 -9.79
N MET A 156 29.59 16.00 -10.82
CA MET A 156 30.64 15.03 -10.58
C MET A 156 31.98 15.64 -10.25
N ASN A 157 32.19 16.91 -10.56
CA ASN A 157 33.42 17.58 -10.20
C ASN A 157 33.13 18.84 -9.40
N LYS A 158 32.09 18.84 -8.58
CA LYS A 158 31.83 20.04 -7.80
C LYS A 158 32.45 19.88 -6.40
N PRO A 159 32.81 20.98 -5.74
CA PRO A 159 32.62 22.38 -6.17
C PRO A 159 33.72 22.93 -7.07
N ASN A 160 33.37 23.99 -7.79
CA ASN A 160 34.33 24.73 -8.59
C ASN A 160 35.08 23.79 -9.54
N GLY A 161 34.33 22.99 -10.28
CA GLY A 161 34.91 22.12 -11.29
C GLY A 161 33.92 21.82 -12.39
N GLN A 162 34.36 21.06 -13.38
CA GLN A 162 33.46 20.64 -14.46
C GLN A 162 33.86 19.25 -14.95
N PHE A 163 32.93 18.63 -15.68
CA PHE A 163 33.10 17.28 -16.23
C PHE A 163 32.51 17.22 -17.63
N VAL A 164 33.22 16.56 -18.55
CA VAL A 164 32.83 16.50 -19.95
C VAL A 164 32.60 15.05 -20.35
N ILE A 165 31.46 14.80 -20.98
CA ILE A 165 31.09 13.45 -21.45
C ILE A 165 30.94 13.51 -22.96
N THR A 166 31.87 12.81 -23.71
CA THR A 166 31.80 12.81 -25.17
C THR A 166 30.92 11.67 -25.65
N PRO A 167 30.51 11.68 -26.92
CA PRO A 167 29.70 10.56 -27.41
C PRO A 167 30.38 9.23 -27.26
N ALA A 168 31.70 9.19 -27.51
CA ALA A 168 32.43 7.94 -27.34
C ALA A 168 32.35 7.45 -25.90
N GLU A 169 32.32 8.37 -24.93
CA GLU A 169 32.27 8.01 -23.52
C GLU A 169 30.88 7.63 -22.99
N VAL A 170 29.80 7.92 -23.73
CA VAL A 170 28.46 7.71 -23.19
C VAL A 170 28.18 6.27 -22.80
N PRO A 171 28.48 5.25 -23.62
CA PRO A 171 28.13 3.88 -23.20
C PRO A 171 28.81 3.42 -21.91
N ALA A 172 30.11 3.64 -21.75
CA ALA A 172 30.78 3.26 -20.49
C ALA A 172 30.18 4.01 -19.33
N PHE A 173 29.91 5.32 -19.53
CA PHE A 173 29.32 6.12 -18.46
C PHE A 173 27.97 5.57 -18.03
N LEU A 174 27.16 5.13 -18.99
CA LEU A 174 25.80 4.70 -18.70
C LEU A 174 25.76 3.37 -18.00
N GLN A 175 26.70 2.48 -18.34
CA GLN A 175 26.61 1.08 -17.93
C GLN A 175 26.37 0.92 -16.44
N THR A 176 27.08 1.68 -15.60
CA THR A 176 26.96 1.60 -14.14
C THR A 176 26.31 2.82 -13.52
N LEU A 177 25.71 3.68 -14.31
CA LEU A 177 25.08 4.88 -13.79
C LEU A 177 23.82 4.50 -13.03
N PRO A 178 23.72 4.81 -11.74
CA PRO A 178 22.49 4.45 -11.02
C PRO A 178 21.30 5.21 -11.56
N LEU A 179 20.16 4.50 -11.66
CA LEU A 179 18.95 5.12 -12.18
C LEU A 179 18.57 6.36 -11.38
N ALA A 180 18.79 6.33 -10.07
CA ALA A 180 18.38 7.46 -9.20
C ALA A 180 19.10 8.74 -9.58
N LYS A 181 20.23 8.65 -10.29
CA LYS A 181 20.94 9.85 -10.69
C LYS A 181 20.25 10.60 -11.83
N ILE A 182 19.33 9.94 -12.54
CA ILE A 182 18.59 10.59 -13.64
C ILE A 182 17.62 11.59 -13.05
N PRO A 183 17.64 12.86 -13.47
CA PRO A 183 16.65 13.82 -12.99
C PRO A 183 15.25 13.33 -13.30
N GLY A 184 14.40 13.29 -12.28
CA GLY A 184 13.05 12.80 -12.43
C GLY A 184 12.84 11.38 -11.95
N VAL A 185 13.91 10.61 -11.77
CA VAL A 185 13.81 9.32 -11.09
C VAL A 185 14.13 9.61 -9.62
N GLY A 186 13.11 9.59 -8.78
CA GLY A 186 13.26 9.91 -7.38
C GLY A 186 13.23 8.68 -6.48
N LYS A 187 13.10 8.93 -5.17
CA LYS A 187 13.11 7.86 -4.18
C LYS A 187 12.08 6.78 -4.50
N VAL A 188 10.86 7.18 -4.83
CA VAL A 188 9.78 6.21 -5.01
C VAL A 188 10.04 5.35 -6.24
N SER A 189 10.40 5.99 -7.36
CA SER A 189 10.66 5.21 -8.56
C SER A 189 11.86 4.31 -8.37
N ALA A 190 12.92 4.84 -7.76
CA ALA A 190 14.14 4.04 -7.61
C ALA A 190 13.86 2.80 -6.78
N ALA A 191 13.00 2.92 -5.77
CA ALA A 191 12.68 1.76 -4.93
C ALA A 191 11.82 0.76 -5.69
N LYS A 192 10.88 1.23 -6.51
CA LYS A 192 10.17 0.32 -7.41
C LYS A 192 11.12 -0.36 -8.38
N LEU A 193 12.01 0.42 -9.01
CA LEU A 193 12.97 -0.14 -9.95
C LEU A 193 13.93 -1.08 -9.25
N GLU A 194 14.42 -0.68 -8.06
CA GLU A 194 15.28 -1.58 -7.30
C GLU A 194 14.54 -2.87 -6.96
N ALA A 195 13.25 -2.78 -6.69
CA ALA A 195 12.52 -3.93 -6.18
C ALA A 195 12.39 -5.04 -7.22
N MET A 196 12.76 -4.81 -8.47
CA MET A 196 12.79 -5.90 -9.44
C MET A 196 14.10 -5.94 -10.19
N GLY A 197 15.19 -5.56 -9.52
CA GLY A 197 16.52 -5.78 -10.05
C GLY A 197 17.04 -4.75 -11.01
N LEU A 198 16.42 -3.58 -11.07
CA LEU A 198 16.87 -2.51 -11.94
C LEU A 198 17.49 -1.43 -11.07
N ARG A 199 18.82 -1.36 -11.08
CA ARG A 199 19.56 -0.38 -10.31
C ARG A 199 20.21 0.68 -11.16
N THR A 200 20.68 0.31 -12.35
CA THR A 200 21.54 1.13 -13.19
C THR A 200 20.97 1.21 -14.59
N CYS A 201 21.50 2.14 -15.38
CA CYS A 201 21.11 2.24 -16.78
C CYS A 201 21.45 0.97 -17.52
N GLY A 202 22.59 0.35 -17.18
CA GLY A 202 22.96 -0.91 -17.80
C GLY A 202 21.92 -2.00 -17.59
N ASP A 203 21.32 -2.05 -16.39
CA ASP A 203 20.23 -3.00 -16.10
C ASP A 203 19.01 -2.73 -16.97
N VAL A 204 18.68 -1.46 -17.18
CA VAL A 204 17.47 -1.15 -17.94
C VAL A 204 17.68 -1.44 -19.41
N GLN A 205 18.92 -1.36 -19.88
CA GLN A 205 19.19 -1.65 -21.28
C GLN A 205 18.82 -3.07 -21.64
N LYS A 206 18.93 -4.00 -20.70
CA LYS A 206 18.54 -5.37 -20.94
C LYS A 206 17.02 -5.58 -20.85
N CYS A 207 16.24 -4.50 -20.83
CA CYS A 207 14.80 -4.58 -20.60
C CYS A 207 14.03 -4.28 -21.87
N ASP A 208 12.83 -4.84 -21.94
CA ASP A 208 11.94 -4.63 -23.08
C ASP A 208 11.15 -3.34 -22.91
N LEU A 209 11.18 -2.50 -23.94
CA LEU A 209 10.40 -1.26 -23.92
C LEU A 209 8.93 -1.52 -23.66
N VAL A 210 8.36 -2.58 -24.25
CA VAL A 210 6.93 -2.81 -24.08
C VAL A 210 6.62 -3.06 -22.60
N MET A 211 7.46 -3.84 -21.92
CA MET A 211 7.25 -4.09 -20.51
C MET A 211 7.43 -2.81 -19.69
N LEU A 212 8.42 -1.99 -20.02
CA LEU A 212 8.59 -0.74 -19.31
C LEU A 212 7.39 0.18 -19.50
N LEU A 213 6.80 0.17 -20.69
CA LEU A 213 5.62 0.99 -20.96
C LEU A 213 4.42 0.49 -20.16
N LYS A 214 4.17 -0.81 -20.19
CA LYS A 214 3.06 -1.37 -19.44
C LYS A 214 3.11 -0.99 -17.97
N ARG A 215 4.32 -0.92 -17.42
CA ARG A 215 4.51 -0.89 -15.98
C ARG A 215 4.85 0.49 -15.41
N PHE A 216 5.17 1.46 -16.26
CA PHE A 216 5.42 2.83 -15.80
C PHE A 216 4.75 3.84 -16.69
N GLY A 217 4.01 3.40 -17.70
CA GLY A 217 3.40 4.34 -18.60
C GLY A 217 4.46 5.11 -19.35
N LYS A 218 4.16 6.37 -19.63
CA LYS A 218 5.09 7.20 -20.38
C LYS A 218 6.40 7.36 -19.65
N PHE A 219 6.40 7.24 -18.33
CA PHE A 219 7.67 7.29 -17.60
C PHE A 219 8.58 6.14 -18.04
N GLY A 220 8.02 4.97 -18.31
CA GLY A 220 8.82 3.83 -18.71
C GLY A 220 9.50 4.02 -20.04
N ARG A 221 8.92 4.84 -20.91
CA ARG A 221 9.60 5.21 -22.16
C ARG A 221 10.79 6.10 -21.88
N ILE A 222 10.62 7.07 -20.95
CA ILE A 222 11.73 7.93 -20.53
C ILE A 222 12.86 7.09 -19.96
N LEU A 223 12.53 6.10 -19.13
CA LEU A 223 13.54 5.24 -18.54
C LEU A 223 14.31 4.49 -19.62
N TRP A 224 13.59 3.84 -20.51
CA TRP A 224 14.20 3.19 -21.66
C TRP A 224 15.11 4.14 -22.45
N GLU A 225 14.63 5.35 -22.74
CA GLU A 225 15.44 6.29 -23.53
C GLU A 225 16.70 6.69 -22.76
N ARG A 226 16.52 7.22 -21.55
CA ARG A 226 17.66 7.76 -20.80
C ARG A 226 18.73 6.69 -20.57
N SER A 227 18.32 5.44 -20.37
CA SER A 227 19.25 4.35 -20.13
C SER A 227 20.11 4.08 -21.36
N GLN A 228 19.81 4.74 -22.48
CA GLN A 228 20.59 4.58 -23.69
C GLN A 228 21.27 5.87 -24.10
N GLY A 229 21.26 6.88 -23.23
CA GLY A 229 21.75 8.18 -23.59
C GLY A 229 20.82 8.98 -24.49
N ILE A 230 19.61 8.49 -24.73
CA ILE A 230 18.67 9.19 -25.61
C ILE A 230 18.00 10.29 -24.80
N ASP A 231 18.12 11.53 -25.27
CA ASP A 231 17.46 12.66 -24.62
C ASP A 231 17.36 13.77 -25.66
N GLU A 232 16.27 13.75 -26.41
CA GLU A 232 16.06 14.72 -27.48
C GLU A 232 15.47 16.03 -27.00
N ARG A 233 15.24 16.21 -25.71
CA ARG A 233 14.62 17.45 -25.24
C ARG A 233 15.48 18.64 -25.64
N ASP A 234 14.86 19.62 -26.29
CA ASP A 234 15.58 20.79 -26.77
C ASP A 234 15.70 21.81 -25.66
N VAL A 235 16.82 22.55 -25.65
CA VAL A 235 16.94 23.67 -24.73
C VAL A 235 15.88 24.70 -25.11
N ASN A 236 15.04 25.07 -24.15
CA ASN A 236 13.87 25.90 -24.41
C ASN A 236 14.01 27.18 -23.59
N SER A 237 14.23 28.28 -24.28
CA SER A 237 14.41 29.58 -23.67
C SER A 237 13.11 30.35 -23.52
N GLU A 238 11.97 29.70 -23.77
CA GLU A 238 10.68 30.41 -23.78
C GLU A 238 9.69 29.94 -22.71
N ARG A 239 10.17 29.24 -21.68
CA ARG A 239 9.27 28.76 -20.64
C ARG A 239 8.78 29.91 -19.78
N LEU A 240 7.50 29.83 -19.39
CA LEU A 240 6.85 30.86 -18.61
C LEU A 240 6.22 30.25 -17.35
N ARG A 241 6.15 31.06 -16.31
CA ARG A 241 5.58 30.65 -15.04
C ARG A 241 4.07 30.39 -15.17
N LYS A 242 3.57 29.42 -14.42
CA LYS A 242 2.20 28.98 -14.52
C LYS A 242 1.37 29.13 -13.25
N SER A 243 2.00 29.36 -12.09
CA SER A 243 1.27 29.44 -10.85
C SER A 243 2.03 30.36 -9.91
N VAL A 244 1.37 30.78 -8.84
CA VAL A 244 2.09 31.39 -7.73
C VAL A 244 1.38 31.00 -6.45
N GLY A 245 2.17 30.66 -5.44
CA GLY A 245 1.62 30.15 -4.20
C GLY A 245 2.31 30.79 -3.02
N VAL A 246 1.56 30.88 -1.91
CA VAL A 246 2.09 31.40 -0.66
C VAL A 246 1.53 30.52 0.45
N GLU A 247 2.41 29.85 1.20
CA GLU A 247 1.95 28.98 2.26
C GLU A 247 2.88 29.09 3.45
N ARG A 248 2.35 28.75 4.62
CA ARG A 248 3.08 28.89 5.86
C ARG A 248 2.79 27.67 6.71
N THR A 249 3.84 27.09 7.28
CA THR A 249 3.73 26.05 8.29
C THR A 249 3.84 26.71 9.64
N MET A 250 2.85 26.47 10.51
CA MET A 250 2.86 27.05 11.84
C MET A 250 3.78 26.28 12.79
N ALA A 251 4.30 26.99 13.80
CA ALA A 251 5.13 26.34 14.81
C ALA A 251 4.33 25.36 15.65
N GLU A 252 3.06 25.65 15.90
CA GLU A 252 2.13 24.74 16.55
C GLU A 252 0.97 24.47 15.61
N ASP A 253 0.46 23.24 15.64
CA ASP A 253 -0.76 22.93 14.90
C ASP A 253 -1.90 23.80 15.39
N ILE A 254 -2.79 24.19 14.47
CA ILE A 254 -3.99 24.94 14.83
C ILE A 254 -5.17 24.00 14.83
N HIS A 255 -6.17 24.31 15.65
CA HIS A 255 -7.35 23.47 15.77
C HIS A 255 -8.65 24.24 15.63
N HIS A 256 -8.61 25.55 15.40
CA HIS A 256 -9.80 26.38 15.38
C HIS A 256 -9.85 27.20 14.10
N TRP A 257 -11.05 27.28 13.50
CA TRP A 257 -11.22 28.05 12.28
C TRP A 257 -10.76 29.49 12.45
N SER A 258 -11.04 30.10 13.61
CA SER A 258 -10.54 31.45 13.85
C SER A 258 -9.04 31.55 13.59
N GLU A 259 -8.28 30.53 14.01
CA GLU A 259 -6.84 30.55 13.80
C GLU A 259 -6.49 30.44 12.32
N CYS A 260 -7.22 29.60 11.60
CA CYS A 260 -6.97 29.43 10.17
C CYS A 260 -7.25 30.71 9.42
N GLU A 261 -8.40 31.33 9.72
CA GLU A 261 -8.76 32.57 9.06
C GLU A 261 -7.74 33.68 9.33
N ALA A 262 -7.21 33.73 10.55
CA ALA A 262 -6.17 34.71 10.86
C ALA A 262 -4.93 34.49 10.01
N ILE A 263 -4.49 33.23 9.88
CA ILE A 263 -3.35 32.93 9.01
C ILE A 263 -3.61 33.42 7.60
N ILE A 264 -4.81 33.16 7.07
CA ILE A 264 -5.11 33.56 5.69
C ILE A 264 -5.03 35.08 5.54
N GLU A 265 -5.48 35.83 6.53
CA GLU A 265 -5.38 37.29 6.46
C GLU A 265 -3.93 37.76 6.36
N ARG A 266 -2.97 37.00 6.89
CA ARG A 266 -1.58 37.40 6.73
C ARG A 266 -1.02 36.96 5.38
N LEU A 267 -1.45 35.80 4.90
CA LEU A 267 -0.94 35.26 3.65
C LEU A 267 -1.44 36.07 2.45
N TYR A 268 -2.71 36.48 2.48
CA TYR A 268 -3.31 37.07 1.29
C TYR A 268 -2.56 38.30 0.79
N PRO A 269 -2.18 39.29 1.64
CA PRO A 269 -1.45 40.44 1.10
C PRO A 269 -0.16 40.04 0.39
N GLU A 270 0.50 38.99 0.86
CA GLU A 270 1.74 38.54 0.23
C GLU A 270 1.47 37.92 -1.14
N LEU A 271 0.42 37.12 -1.24
CA LEU A 271 0.05 36.55 -2.53
C LEU A 271 -0.30 37.65 -3.53
N GLU A 272 -1.03 38.68 -3.09
CA GLU A 272 -1.40 39.77 -3.99
C GLU A 272 -0.17 40.54 -4.47
N ARG A 273 0.74 40.85 -3.56
CA ARG A 273 1.96 41.56 -3.92
C ARG A 273 2.75 40.78 -4.98
N ARG A 274 2.83 39.47 -4.83
CA ARG A 274 3.63 38.71 -5.79
C ARG A 274 2.91 38.54 -7.11
N LEU A 275 1.61 38.26 -7.09
CA LEU A 275 0.85 38.26 -8.33
C LEU A 275 1.01 39.58 -9.08
N ALA A 276 0.87 40.70 -8.35
CA ALA A 276 0.87 42.02 -8.97
C ALA A 276 2.17 42.33 -9.70
N LYS A 277 3.30 41.82 -9.20
CA LYS A 277 4.57 41.99 -9.91
C LYS A 277 4.49 41.47 -11.34
N VAL A 278 3.80 40.35 -11.55
CA VAL A 278 3.75 39.71 -12.85
C VAL A 278 2.42 39.95 -13.55
N LYS A 279 1.40 40.37 -12.83
CA LYS A 279 0.07 40.60 -13.41
C LYS A 279 -0.58 41.72 -12.64
N PRO A 280 -0.31 42.96 -13.02
CA PRO A 280 -0.82 44.10 -12.24
C PRO A 280 -2.33 44.10 -12.06
N ASP A 281 -3.08 43.62 -13.06
CA ASP A 281 -4.53 43.66 -12.96
C ASP A 281 -5.09 42.50 -12.15
N LEU A 282 -4.24 41.61 -11.63
CA LEU A 282 -4.62 40.48 -10.80
C LEU A 282 -5.49 39.46 -11.55
N LEU A 283 -5.54 39.51 -12.88
CA LEU A 283 -6.39 38.56 -13.61
C LEU A 283 -5.69 37.21 -13.72
N ILE A 284 -6.43 36.15 -13.43
CA ILE A 284 -5.86 34.82 -13.26
C ILE A 284 -6.82 33.81 -13.84
N ALA A 285 -6.46 32.54 -13.78
CA ALA A 285 -7.31 31.48 -14.30
C ALA A 285 -8.04 30.71 -13.22
N ARG A 286 -7.36 30.42 -12.11
CA ARG A 286 -7.96 29.69 -10.99
C ARG A 286 -7.31 30.21 -9.70
N GLN A 287 -8.01 30.03 -8.58
CA GLN A 287 -7.41 30.28 -7.28
C GLN A 287 -7.90 29.21 -6.31
N GLY A 288 -7.15 29.02 -5.24
CA GLY A 288 -7.41 27.87 -4.40
C GLY A 288 -6.63 27.92 -3.12
N VAL A 289 -6.83 26.89 -2.31
CA VAL A 289 -6.25 26.85 -0.98
C VAL A 289 -5.66 25.46 -0.75
N LYS A 290 -4.83 25.37 0.28
CA LYS A 290 -4.12 24.16 0.65
C LYS A 290 -4.17 24.06 2.17
N LEU A 291 -4.52 22.88 2.67
CA LEU A 291 -4.32 22.58 4.09
C LEU A 291 -3.47 21.35 4.21
N LYS A 292 -2.53 21.35 5.17
CA LYS A 292 -1.79 20.14 5.51
C LYS A 292 -2.07 19.80 6.97
N PHE A 293 -2.49 18.57 7.20
CA PHE A 293 -2.93 18.13 8.51
C PHE A 293 -1.76 17.62 9.33
N ASP A 294 -2.02 17.39 10.63
CA ASP A 294 -0.97 16.88 11.51
C ASP A 294 -0.50 15.48 11.13
N ASP A 295 -1.32 14.68 10.43
CA ASP A 295 -0.91 13.38 9.91
C ASP A 295 -0.26 13.48 8.51
N PHE A 296 0.03 14.70 8.06
CA PHE A 296 0.74 15.02 6.83
C PHE A 296 -0.02 14.70 5.55
N GLN A 297 -1.25 14.21 5.59
CA GLN A 297 -2.06 14.27 4.39
C GLN A 297 -2.29 15.74 4.03
N GLN A 298 -2.30 16.04 2.75
CA GLN A 298 -2.61 17.39 2.32
C GLN A 298 -3.71 17.35 1.29
N THR A 299 -4.53 18.39 1.28
CA THR A 299 -5.60 18.55 0.31
C THR A 299 -5.51 19.95 -0.27
N THR A 300 -5.90 20.05 -1.53
CA THR A 300 -5.99 21.33 -2.21
C THR A 300 -7.39 21.41 -2.78
N GLN A 301 -7.97 22.60 -2.77
CA GLN A 301 -9.15 22.75 -3.60
C GLN A 301 -9.12 24.13 -4.24
N GLU A 302 -9.29 24.11 -5.54
CA GLU A 302 -9.01 25.23 -6.41
C GLU A 302 -10.10 25.22 -7.46
N HIS A 303 -10.36 26.39 -8.05
CA HIS A 303 -11.45 26.44 -9.01
C HIS A 303 -11.23 27.62 -9.95
N VAL A 304 -11.80 27.50 -11.15
CA VAL A 304 -11.91 28.62 -12.07
C VAL A 304 -12.39 29.86 -11.34
N TRP A 305 -11.70 30.96 -11.55
CA TRP A 305 -11.97 32.23 -10.89
C TRP A 305 -11.22 33.30 -11.67
N PRO A 306 -11.82 34.45 -11.91
CA PRO A 306 -11.22 35.39 -12.85
C PRO A 306 -10.18 36.33 -12.29
N ARG A 307 -10.11 36.48 -10.96
CA ARG A 307 -9.35 37.59 -10.38
C ARG A 307 -9.15 37.38 -8.89
N LEU A 308 -7.90 37.53 -8.42
CA LEU A 308 -7.54 37.33 -7.03
C LEU A 308 -8.58 37.93 -6.12
N ASN A 309 -9.09 37.12 -5.18
CA ASN A 309 -10.18 37.55 -4.32
C ASN A 309 -10.04 36.93 -2.95
N LYS A 310 -9.79 37.75 -1.92
CA LYS A 310 -9.52 37.26 -0.57
C LYS A 310 -10.72 36.52 0.02
N ALA A 311 -11.92 37.10 -0.09
CA ALA A 311 -13.07 36.51 0.56
C ALA A 311 -13.36 35.11 0.00
N ASP A 312 -13.26 34.95 -1.33
CA ASP A 312 -13.48 33.62 -1.90
C ASP A 312 -12.45 32.62 -1.37
N LEU A 313 -11.23 33.06 -1.15
CA LEU A 313 -10.22 32.13 -0.63
C LEU A 313 -10.56 31.75 0.80
N ILE A 314 -11.01 32.72 1.61
CA ILE A 314 -11.48 32.41 2.96
C ILE A 314 -12.65 31.43 2.90
N ALA A 315 -13.64 31.74 2.05
CA ALA A 315 -14.81 30.87 1.87
C ALA A 315 -14.38 29.45 1.52
N THR A 316 -13.50 29.33 0.53
CA THR A 316 -13.03 28.00 0.14
C THR A 316 -12.28 27.32 1.27
N ALA A 317 -11.42 28.04 1.98
CA ALA A 317 -10.74 27.43 3.12
C ALA A 317 -11.75 26.94 4.16
N ARG A 318 -12.81 27.71 4.39
CA ARG A 318 -13.84 27.29 5.33
C ARG A 318 -14.42 25.94 4.94
N LYS A 319 -14.84 25.78 3.67
CA LYS A 319 -15.38 24.51 3.20
C LYS A 319 -14.37 23.37 3.44
N THR A 320 -13.15 23.51 2.91
CA THR A 320 -12.10 22.53 3.15
C THR A 320 -11.93 22.26 4.64
N TRP A 321 -11.84 23.31 5.45
CA TRP A 321 -11.77 23.12 6.89
C TRP A 321 -12.90 22.22 7.39
N ASP A 322 -14.14 22.58 7.08
CA ASP A 322 -15.28 21.80 7.57
C ASP A 322 -15.34 20.43 6.90
N GLU A 323 -15.27 20.39 5.57
CA GLU A 323 -15.67 19.19 4.82
C GLU A 323 -14.65 18.06 4.90
N ARG A 324 -13.48 18.24 4.30
CA ARG A 324 -12.33 17.42 4.63
C ARG A 324 -11.86 17.83 6.04
N ARG A 325 -10.84 17.14 6.56
CA ARG A 325 -10.16 17.44 7.85
C ARG A 325 -10.47 16.50 9.02
N GLY A 326 -11.75 16.32 9.36
CA GLY A 326 -12.16 15.44 10.44
C GLY A 326 -11.39 15.55 11.74
N GLY A 327 -11.45 16.72 12.38
CA GLY A 327 -10.85 16.90 13.68
C GLY A 327 -9.34 16.91 13.76
N ARG A 328 -8.61 16.65 12.67
CA ARG A 328 -7.15 16.66 12.74
C ARG A 328 -6.67 18.08 13.03
N GLY A 329 -5.47 18.18 13.62
CA GLY A 329 -4.79 19.47 13.68
C GLY A 329 -4.20 19.87 12.33
N VAL A 330 -3.95 21.16 12.14
CA VAL A 330 -3.49 21.67 10.84
C VAL A 330 -2.15 22.34 11.03
N ARG A 331 -1.13 21.85 10.33
CA ARG A 331 0.22 22.42 10.42
C ARG A 331 0.51 23.44 9.33
N LEU A 332 -0.22 23.42 8.21
CA LEU A 332 0.06 24.34 7.12
C LEU A 332 -1.21 24.88 6.48
N VAL A 333 -1.19 26.17 6.16
CA VAL A 333 -2.23 26.79 5.36
C VAL A 333 -1.56 27.42 4.14
N GLY A 334 -2.16 27.24 2.97
CA GLY A 334 -1.63 27.83 1.76
C GLY A 334 -2.72 28.42 0.87
N LEU A 335 -2.32 29.45 0.12
CA LEU A 335 -3.12 30.06 -0.93
C LEU A 335 -2.43 29.82 -2.27
N HIS A 336 -3.22 29.80 -3.34
CA HIS A 336 -2.69 29.39 -4.64
C HIS A 336 -3.44 30.08 -5.76
N VAL A 337 -2.72 30.38 -6.84
CA VAL A 337 -3.29 30.97 -8.04
C VAL A 337 -2.70 30.25 -9.25
N THR A 338 -3.56 29.89 -10.19
CA THR A 338 -3.13 29.41 -11.50
C THR A 338 -3.26 30.55 -12.50
N LEU A 339 -2.16 30.83 -13.20
CA LEU A 339 -2.03 31.97 -14.10
C LEU A 339 -2.71 31.68 -15.43
N LEU A 340 -3.23 32.74 -16.07
CA LEU A 340 -3.76 32.64 -17.43
C LEU A 340 -2.67 32.17 -18.40
N ASP A 341 -3.10 31.51 -19.48
CA ASP A 341 -2.27 30.75 -20.42
C ASP A 341 -1.23 31.46 -21.29
N PRO A 342 -1.39 32.75 -21.67
CA PRO A 342 -0.51 33.13 -22.80
C PRO A 342 0.98 33.20 -22.44
N GLY B 1 -38.01 -43.56 1.95
CA GLY B 1 -37.01 -42.87 1.17
C GLY B 1 -36.10 -41.94 1.96
N SER B 2 -34.99 -42.49 2.47
CA SER B 2 -34.01 -41.72 3.21
C SER B 2 -32.70 -41.65 2.43
N ARG B 3 -32.13 -40.45 2.37
CA ARG B 3 -30.85 -40.27 1.73
C ARG B 3 -29.73 -40.81 2.60
N LYS B 4 -28.57 -41.02 1.99
CA LYS B 4 -27.37 -41.43 2.69
C LYS B 4 -26.32 -40.36 2.49
N ILE B 5 -26.00 -39.63 3.56
CA ILE B 5 -25.08 -38.50 3.50
C ILE B 5 -23.82 -38.84 4.28
N ILE B 6 -22.67 -38.58 3.68
CA ILE B 6 -21.39 -38.74 4.35
C ILE B 6 -20.71 -37.38 4.42
N HIS B 7 -20.25 -37.01 5.61
CA HIS B 7 -19.34 -35.89 5.82
C HIS B 7 -17.95 -36.46 6.09
N VAL B 8 -16.96 -36.06 5.29
CA VAL B 8 -15.58 -36.49 5.46
C VAL B 8 -14.75 -35.28 5.82
N ASP B 9 -13.87 -35.43 6.81
CA ASP B 9 -13.16 -34.31 7.40
C ASP B 9 -11.75 -34.76 7.77
N MET B 10 -10.73 -34.04 7.29
CA MET B 10 -9.36 -34.45 7.61
C MET B 10 -9.02 -34.10 9.06
N ASP B 11 -8.20 -34.94 9.68
CA ASP B 11 -7.78 -34.76 11.06
C ASP B 11 -6.61 -33.78 11.14
N CYS B 12 -6.76 -32.74 11.98
CA CYS B 12 -5.76 -31.70 12.22
C CYS B 12 -5.06 -31.29 10.92
N PHE B 13 -5.87 -30.86 9.96
CA PHE B 13 -5.45 -30.90 8.55
C PHE B 13 -4.05 -30.33 8.35
N PHE B 14 -3.85 -29.03 8.63
CA PHE B 14 -2.54 -28.42 8.31
C PHE B 14 -1.42 -29.11 9.09
N ALA B 15 -1.64 -29.39 10.37
CA ALA B 15 -0.59 -30.02 11.17
C ALA B 15 -0.33 -31.45 10.73
N ALA B 16 -1.35 -32.16 10.24
CA ALA B 16 -1.14 -33.53 9.81
C ALA B 16 -0.26 -33.56 8.57
N VAL B 17 -0.43 -32.59 7.66
CA VAL B 17 0.46 -32.48 6.52
C VAL B 17 1.89 -32.20 6.98
N GLU B 18 2.03 -31.26 7.91
CA GLU B 18 3.38 -30.91 8.36
C GLU B 18 4.03 -32.07 9.11
N MET B 19 3.25 -32.84 9.87
CA MET B 19 3.83 -33.98 10.57
C MET B 19 4.24 -35.09 9.61
N ARG B 20 3.40 -35.35 8.60
CA ARG B 20 3.75 -36.34 7.57
C ARG B 20 5.07 -36.00 6.88
N ASP B 21 5.23 -34.74 6.49
CA ASP B 21 6.41 -34.30 5.75
C ASP B 21 7.61 -34.02 6.64
N ASN B 22 7.44 -34.09 7.96
CA ASN B 22 8.56 -33.95 8.90
C ASN B 22 8.23 -34.76 10.14
N PRO B 23 8.65 -36.03 10.17
CA PRO B 23 8.29 -36.89 11.31
C PRO B 23 8.85 -36.42 12.65
N ALA B 24 9.86 -35.54 12.66
CA ALA B 24 10.36 -35.02 13.92
C ALA B 24 9.31 -34.24 14.69
N LEU B 25 8.27 -33.77 14.01
CA LEU B 25 7.21 -33.00 14.65
C LEU B 25 6.06 -33.87 15.18
N ARG B 26 6.23 -35.20 15.18
CA ARG B 26 5.09 -36.09 15.43
C ARG B 26 4.62 -36.02 16.88
N ASP B 27 5.57 -36.05 17.83
CA ASP B 27 5.25 -36.21 19.24
C ASP B 27 5.50 -34.96 20.06
N ILE B 28 5.77 -33.83 19.40
CA ILE B 28 5.97 -32.55 20.08
C ILE B 28 4.81 -31.62 19.76
N PRO B 29 4.51 -30.62 20.59
CA PRO B 29 3.42 -29.68 20.29
C PRO B 29 3.79 -28.76 19.13
N ILE B 30 2.95 -28.75 18.08
CA ILE B 30 3.14 -27.83 16.97
C ILE B 30 1.82 -27.16 16.63
N ALA B 31 1.93 -25.98 16.04
CA ALA B 31 0.80 -25.26 15.50
C ALA B 31 1.22 -24.52 14.23
N ILE B 32 0.28 -24.36 13.32
CA ILE B 32 0.46 -23.48 12.17
C ILE B 32 -0.18 -22.15 12.55
N GLY B 33 0.57 -21.06 12.42
CA GLY B 33 0.01 -19.75 12.70
C GLY B 33 1.07 -18.68 12.59
N GLY B 34 0.63 -17.44 12.73
CA GLY B 34 1.53 -16.30 12.67
C GLY B 34 2.13 -15.99 14.03
N SER B 35 3.34 -15.43 14.01
CA SER B 35 4.07 -15.16 15.24
C SER B 35 3.37 -14.08 16.06
N ARG B 36 3.80 -13.94 17.31
CA ARG B 36 3.28 -12.86 18.13
C ARG B 36 3.67 -11.50 17.56
N GLU B 37 4.91 -11.38 17.06
CA GLU B 37 5.40 -10.12 16.54
C GLU B 37 4.51 -9.63 15.39
N ARG B 38 4.03 -10.55 14.56
CA ARG B 38 3.13 -10.25 13.46
C ARG B 38 1.66 -10.22 13.89
N ARG B 39 1.41 -10.28 15.21
CA ARG B 39 0.07 -10.18 15.78
C ARG B 39 -0.86 -11.29 15.25
N GLY B 40 -0.32 -12.50 15.15
CA GLY B 40 -1.04 -13.61 14.54
C GLY B 40 -1.87 -14.44 15.51
N VAL B 41 -2.60 -15.40 14.94
CA VAL B 41 -3.36 -16.40 15.69
C VAL B 41 -2.93 -17.79 15.23
N ILE B 42 -3.43 -18.80 15.93
CA ILE B 42 -3.19 -20.20 15.59
C ILE B 42 -4.18 -20.63 14.52
N SER B 43 -3.68 -21.21 13.42
CA SER B 43 -4.55 -21.78 12.42
C SER B 43 -5.09 -23.15 12.88
N THR B 44 -4.19 -24.00 13.35
CA THR B 44 -4.58 -25.27 13.95
C THR B 44 -3.36 -25.80 14.70
N ALA B 45 -3.58 -26.86 15.48
CA ALA B 45 -2.53 -27.45 16.29
C ALA B 45 -2.70 -28.96 16.30
N ASN B 46 -1.60 -29.66 16.56
CA ASN B 46 -1.70 -31.11 16.66
C ASN B 46 -2.12 -31.48 18.08
N TYR B 47 -2.39 -32.78 18.28
CA TYR B 47 -2.91 -33.23 19.57
C TYR B 47 -1.94 -33.01 20.74
N PRO B 48 -0.62 -33.16 20.58
CA PRO B 48 0.26 -32.77 21.69
C PRO B 48 0.10 -31.31 22.09
N ALA B 49 -0.10 -30.42 21.11
CA ALA B 49 -0.37 -29.02 21.45
C ALA B 49 -1.74 -28.86 22.08
N ARG B 50 -2.74 -29.58 21.57
CA ARG B 50 -4.11 -29.36 22.04
C ARG B 50 -4.30 -29.74 23.50
N LYS B 51 -3.53 -30.70 24.01
CA LYS B 51 -3.74 -31.07 25.40
C LYS B 51 -3.30 -29.96 26.35
N PHE B 52 -2.45 -29.05 25.90
CA PHE B 52 -2.16 -27.83 26.64
C PHE B 52 -3.24 -26.77 26.48
N GLY B 53 -4.25 -27.03 25.64
CA GLY B 53 -5.33 -26.09 25.42
C GLY B 53 -5.20 -25.26 24.16
N VAL B 54 -4.15 -25.50 23.36
CA VAL B 54 -4.00 -24.73 22.12
C VAL B 54 -5.15 -25.04 21.19
N ARG B 55 -5.73 -23.99 20.59
CA ARG B 55 -6.93 -24.08 19.79
C ARG B 55 -6.77 -23.24 18.52
N SER B 56 -7.46 -23.64 17.46
CA SER B 56 -7.64 -22.73 16.33
C SER B 56 -8.25 -21.42 16.80
N ALA B 57 -7.78 -20.32 16.20
CA ALA B 57 -8.21 -18.93 16.39
C ALA B 57 -7.65 -18.33 17.68
N MET B 58 -6.91 -19.08 18.50
CA MET B 58 -6.31 -18.51 19.70
C MET B 58 -5.17 -17.56 19.34
N PRO B 59 -5.11 -16.38 19.96
CA PRO B 59 -3.98 -15.49 19.74
C PRO B 59 -2.67 -16.22 20.02
N THR B 60 -1.69 -16.06 19.13
CA THR B 60 -0.49 -16.87 19.20
C THR B 60 0.26 -16.65 20.52
N GLY B 61 0.16 -15.45 21.10
CA GLY B 61 0.78 -15.24 22.39
C GLY B 61 0.11 -16.02 23.51
N MET B 62 -1.22 -16.08 23.51
CA MET B 62 -1.90 -16.93 24.48
C MET B 62 -1.50 -18.38 24.28
N ALA B 63 -1.31 -18.79 23.02
CA ALA B 63 -0.88 -20.15 22.72
C ALA B 63 0.47 -20.46 23.35
N LEU B 64 1.42 -19.53 23.20
CA LEU B 64 2.75 -19.74 23.76
C LEU B 64 2.76 -19.71 25.28
N LYS B 65 1.93 -18.86 25.90
CA LYS B 65 1.84 -18.87 27.35
C LYS B 65 1.28 -20.19 27.86
N LEU B 66 0.35 -20.80 27.11
CA LEU B 66 -0.20 -22.08 27.55
C LEU B 66 0.69 -23.26 27.19
N CYS B 67 1.59 -23.10 26.21
CA CYS B 67 2.40 -24.22 25.71
C CYS B 67 3.75 -23.67 25.29
N PRO B 68 4.65 -23.45 26.26
CA PRO B 68 5.90 -22.73 25.96
C PRO B 68 6.83 -23.48 25.01
N HIS B 69 6.72 -24.80 24.93
CA HIS B 69 7.54 -25.57 24.01
C HIS B 69 6.93 -25.63 22.61
N LEU B 70 5.84 -24.88 22.38
CA LEU B 70 5.14 -24.92 21.11
C LEU B 70 6.10 -24.61 19.96
N THR B 71 6.07 -25.45 18.93
CA THR B 71 6.76 -25.14 17.69
C THR B 71 5.77 -24.48 16.74
N LEU B 72 6.15 -23.33 16.21
CA LEU B 72 5.27 -22.50 15.39
C LEU B 72 5.73 -22.60 13.93
N LEU B 73 4.79 -23.00 13.04
CA LEU B 73 5.06 -23.19 11.63
C LEU B 73 4.29 -22.18 10.78
N PRO B 74 4.91 -21.65 9.72
CA PRO B 74 4.22 -20.64 8.89
C PRO B 74 3.11 -21.20 8.03
N GLY B 75 3.12 -22.49 7.71
CA GLY B 75 2.10 -23.03 6.83
C GLY B 75 2.52 -23.05 5.37
N ARG B 76 2.27 -24.17 4.69
CA ARG B 76 2.65 -24.34 3.28
C ARG B 76 1.38 -24.59 2.50
N PHE B 77 0.75 -23.50 2.04
CA PHE B 77 -0.58 -23.59 1.45
C PHE B 77 -0.59 -24.51 0.23
N ASP B 78 0.46 -24.46 -0.59
CA ASP B 78 0.47 -25.33 -1.76
C ASP B 78 0.56 -26.81 -1.39
N ALA B 79 1.16 -27.13 -0.24
CA ALA B 79 1.09 -28.50 0.24
C ALA B 79 -0.33 -28.86 0.65
N TYR B 80 -1.04 -27.92 1.29
CA TYR B 80 -2.41 -28.19 1.73
C TYR B 80 -3.37 -28.25 0.55
N LYS B 81 -3.18 -27.40 -0.46
CA LYS B 81 -4.04 -27.45 -1.64
C LYS B 81 -3.85 -28.75 -2.40
N GLU B 82 -2.61 -29.24 -2.48
CA GLU B 82 -2.35 -30.51 -3.17
C GLU B 82 -3.13 -31.64 -2.52
N ALA B 83 -3.03 -31.77 -1.20
CA ALA B 83 -3.77 -32.81 -0.49
C ALA B 83 -5.28 -32.66 -0.66
N SER B 84 -5.78 -31.42 -0.57
CA SER B 84 -7.20 -31.16 -0.79
C SER B 84 -7.65 -31.64 -2.16
N ASN B 85 -6.91 -31.28 -3.22
CA ASN B 85 -7.30 -31.75 -4.56
C ASN B 85 -7.31 -33.26 -4.62
N HIS B 86 -6.29 -33.90 -4.04
CA HIS B 86 -6.19 -35.35 -4.06
C HIS B 86 -7.39 -36.00 -3.38
N ILE B 87 -7.78 -35.49 -2.20
CA ILE B 87 -8.88 -36.17 -1.50
C ILE B 87 -10.19 -35.98 -2.23
N ARG B 88 -10.39 -34.82 -2.88
CA ARG B 88 -11.60 -34.61 -3.65
C ARG B 88 -11.66 -35.50 -4.88
N GLU B 89 -10.50 -35.82 -5.49
CA GLU B 89 -10.50 -36.79 -6.58
C GLU B 89 -10.82 -38.19 -6.07
N ILE B 90 -10.37 -38.52 -4.85
CA ILE B 90 -10.80 -39.77 -4.24
C ILE B 90 -12.30 -39.78 -4.08
N PHE B 91 -12.88 -38.67 -3.61
CA PHE B 91 -14.34 -38.60 -3.47
C PHE B 91 -15.04 -38.89 -4.80
N SER B 92 -14.47 -38.42 -5.90
CA SER B 92 -15.08 -38.57 -7.22
C SER B 92 -15.06 -40.00 -7.72
N ARG B 93 -14.19 -40.85 -7.17
CA ARG B 93 -14.25 -42.26 -7.52
C ARG B 93 -15.52 -42.92 -7.02
N TYR B 94 -16.17 -42.34 -6.00
CA TYR B 94 -17.33 -42.95 -5.36
C TYR B 94 -18.65 -42.31 -5.77
N THR B 95 -18.66 -41.01 -6.07
CA THR B 95 -19.87 -40.33 -6.52
C THR B 95 -19.50 -38.98 -7.11
N SER B 96 -20.38 -38.48 -7.99
CA SER B 96 -20.25 -37.11 -8.46
C SER B 96 -20.97 -36.12 -7.55
N ARG B 97 -21.77 -36.59 -6.61
CA ARG B 97 -22.50 -35.74 -5.68
C ARG B 97 -21.57 -35.35 -4.53
N ILE B 98 -20.74 -34.34 -4.79
CA ILE B 98 -19.71 -33.88 -3.87
C ILE B 98 -19.91 -32.38 -3.64
N GLU B 99 -20.09 -32.00 -2.38
CA GLU B 99 -20.15 -30.58 -2.01
C GLU B 99 -19.00 -30.29 -1.04
N PRO B 100 -17.85 -29.85 -1.55
CA PRO B 100 -16.77 -29.41 -0.65
C PRO B 100 -17.20 -28.18 0.15
N LEU B 101 -16.83 -28.17 1.43
CA LEU B 101 -17.12 -27.04 2.32
C LEU B 101 -15.88 -26.22 2.69
N SER B 102 -14.70 -26.80 2.54
CA SER B 102 -13.41 -26.18 2.81
C SER B 102 -12.38 -27.05 2.12
N LEU B 103 -11.11 -26.72 2.26
CA LEU B 103 -10.08 -27.58 1.68
C LEU B 103 -10.25 -29.02 2.13
N ASP B 104 -10.55 -29.22 3.41
CA ASP B 104 -10.37 -30.53 4.02
C ASP B 104 -11.68 -31.26 4.31
N GLU B 105 -12.81 -30.79 3.79
CA GLU B 105 -14.04 -31.51 4.09
C GLU B 105 -15.03 -31.39 2.94
N ALA B 106 -15.91 -32.38 2.87
CA ALA B 106 -16.93 -32.44 1.83
C ALA B 106 -18.11 -33.25 2.34
N TYR B 107 -19.31 -32.90 1.90
CA TYR B 107 -20.45 -33.80 1.96
C TYR B 107 -20.47 -34.65 0.71
N LEU B 108 -20.85 -35.92 0.87
CA LEU B 108 -21.15 -36.81 -0.24
C LEU B 108 -22.57 -37.31 -0.10
N ASP B 109 -23.28 -37.41 -1.22
CA ASP B 109 -24.59 -38.04 -1.25
C ASP B 109 -24.41 -39.38 -1.97
N VAL B 110 -24.49 -40.47 -1.22
CA VAL B 110 -24.30 -41.79 -1.81
C VAL B 110 -25.62 -42.57 -1.72
N THR B 111 -26.74 -41.86 -1.77
CA THR B 111 -28.04 -42.54 -1.84
C THR B 111 -28.08 -43.52 -3.00
N ASP B 112 -27.52 -43.13 -4.14
CA ASP B 112 -27.60 -43.92 -5.38
C ASP B 112 -26.40 -44.84 -5.61
N SER B 113 -25.52 -45.01 -4.63
CA SER B 113 -24.25 -45.66 -4.89
C SER B 113 -24.38 -47.17 -5.04
N VAL B 114 -23.79 -47.70 -6.11
CA VAL B 114 -23.68 -49.15 -6.31
C VAL B 114 -22.30 -49.61 -5.87
N HIS B 115 -21.71 -48.90 -4.93
CA HIS B 115 -20.46 -49.30 -4.30
C HIS B 115 -20.75 -49.98 -2.97
N CYS B 116 -19.92 -50.97 -2.62
CA CYS B 116 -20.01 -51.66 -1.33
C CYS B 116 -21.45 -52.09 -1.02
N HIS B 117 -22.12 -52.59 -2.06
CA HIS B 117 -23.52 -53.01 -1.97
C HIS B 117 -24.43 -51.92 -1.41
N GLY B 118 -24.06 -50.66 -1.69
CA GLY B 118 -24.86 -49.53 -1.22
C GLY B 118 -24.72 -49.22 0.24
N SER B 119 -23.68 -49.71 0.91
CA SER B 119 -23.48 -49.44 2.32
C SER B 119 -22.72 -48.13 2.48
N ALA B 120 -23.37 -47.12 3.07
CA ALA B 120 -22.67 -45.87 3.33
C ALA B 120 -21.57 -46.07 4.37
N THR B 121 -21.76 -47.00 5.29
CA THR B 121 -20.72 -47.29 6.28
C THR B 121 -19.47 -47.80 5.59
N LEU B 122 -19.61 -48.76 4.68
CA LEU B 122 -18.44 -49.34 4.04
C LEU B 122 -17.82 -48.39 3.04
N ILE B 123 -18.64 -47.56 2.38
CA ILE B 123 -18.12 -46.51 1.50
C ILE B 123 -17.31 -45.51 2.30
N ALA B 124 -17.86 -45.04 3.43
CA ALA B 124 -17.09 -44.11 4.26
C ALA B 124 -15.79 -44.76 4.72
N GLN B 125 -15.84 -46.05 5.06
CA GLN B 125 -14.65 -46.75 5.53
C GLN B 125 -13.60 -46.87 4.43
N GLU B 126 -14.06 -47.14 3.20
CA GLU B 126 -13.14 -47.24 2.08
C GLU B 126 -12.55 -45.89 1.72
N ILE B 127 -13.34 -44.81 1.86
CA ILE B 127 -12.80 -43.50 1.54
C ILE B 127 -11.70 -43.13 2.54
N ARG B 128 -11.95 -43.38 3.83
CA ARG B 128 -10.93 -43.07 4.83
C ARG B 128 -9.65 -43.88 4.60
N GLN B 129 -9.80 -45.17 4.28
CA GLN B 129 -8.64 -46.03 4.06
C GLN B 129 -7.90 -45.66 2.78
N THR B 130 -8.64 -45.39 1.71
CA THR B 130 -7.99 -44.92 0.49
C THR B 130 -7.27 -43.60 0.73
N ILE B 131 -7.77 -42.76 1.64
CA ILE B 131 -7.10 -41.49 1.90
C ILE B 131 -5.84 -41.71 2.74
N PHE B 132 -5.87 -42.66 3.68
CA PHE B 132 -4.69 -42.95 4.47
C PHE B 132 -3.56 -43.48 3.58
N ASN B 133 -3.81 -44.57 2.86
CA ASN B 133 -2.93 -44.88 1.74
C ASN B 133 -3.01 -43.72 0.75
N GLU B 134 -2.02 -43.62 -0.13
CA GLU B 134 -1.97 -42.51 -1.11
C GLU B 134 -1.55 -41.18 -0.49
N LEU B 135 -2.16 -40.78 0.63
CA LEU B 135 -1.83 -39.48 1.21
C LEU B 135 -1.08 -39.54 2.53
N GLN B 136 -1.08 -40.68 3.22
CA GLN B 136 -0.42 -40.80 4.52
C GLN B 136 -1.05 -39.87 5.55
N LEU B 137 -2.35 -39.61 5.41
CA LEU B 137 -3.10 -38.75 6.31
C LEU B 137 -4.40 -39.43 6.70
N THR B 138 -4.86 -39.16 7.92
CA THR B 138 -6.07 -39.79 8.40
C THR B 138 -7.26 -38.85 8.26
N ALA B 139 -8.44 -39.45 8.14
CA ALA B 139 -9.67 -38.69 8.05
C ALA B 139 -10.70 -39.33 8.98
N SER B 140 -11.68 -38.52 9.36
CA SER B 140 -12.84 -39.00 10.09
C SER B 140 -14.07 -38.76 9.23
N ALA B 141 -15.14 -39.50 9.51
CA ALA B 141 -16.33 -39.39 8.67
C ALA B 141 -17.58 -39.63 9.48
N GLY B 142 -18.65 -38.95 9.07
CA GLY B 142 -19.97 -39.15 9.64
C GLY B 142 -20.93 -39.62 8.57
N VAL B 143 -21.85 -40.50 8.95
CA VAL B 143 -22.87 -41.05 8.05
C VAL B 143 -24.22 -40.80 8.70
N ALA B 144 -25.16 -40.25 7.95
CA ALA B 144 -26.42 -39.87 8.56
C ALA B 144 -27.45 -39.63 7.46
N PRO B 145 -28.73 -39.50 7.81
CA PRO B 145 -29.74 -39.28 6.77
C PRO B 145 -29.84 -37.85 6.28
N VAL B 146 -29.17 -36.89 6.92
CA VAL B 146 -29.19 -35.49 6.49
C VAL B 146 -27.81 -34.87 6.73
N LYS B 147 -27.61 -33.68 6.17
CA LYS B 147 -26.33 -32.98 6.24
C LYS B 147 -25.87 -32.76 7.68
N PHE B 148 -26.61 -31.98 8.47
CA PHE B 148 -26.08 -31.50 9.74
C PHE B 148 -25.74 -32.65 10.68
N LEU B 149 -26.46 -33.77 10.56
CA LEU B 149 -26.13 -34.92 11.40
C LEU B 149 -24.89 -35.65 10.89
N ALA B 150 -24.66 -35.71 9.58
CA ALA B 150 -23.44 -36.34 9.11
C ALA B 150 -22.22 -35.53 9.57
N LYS B 151 -22.33 -34.20 9.56
CA LYS B 151 -21.22 -33.36 10.01
C LYS B 151 -20.96 -33.55 11.49
N ILE B 152 -22.01 -33.52 12.32
CA ILE B 152 -21.85 -33.82 13.74
C ILE B 152 -21.22 -35.18 13.92
N ALA B 153 -21.70 -36.19 13.17
CA ALA B 153 -21.22 -37.54 13.38
C ALA B 153 -19.73 -37.68 13.07
N SER B 154 -19.20 -36.90 12.12
CA SER B 154 -17.79 -37.03 11.79
C SER B 154 -16.89 -36.56 12.91
N ASP B 155 -17.37 -35.72 13.80
CA ASP B 155 -16.56 -35.28 14.93
C ASP B 155 -16.55 -36.27 16.10
N MET B 156 -17.45 -37.26 16.11
CA MET B 156 -17.65 -38.03 17.34
C MET B 156 -16.60 -39.11 17.55
N ASN B 157 -15.99 -39.62 16.50
CA ASN B 157 -14.88 -40.55 16.63
C ASN B 157 -13.62 -40.01 15.98
N LYS B 158 -13.44 -38.69 16.01
CA LYS B 158 -12.16 -38.08 15.61
C LYS B 158 -11.12 -38.37 16.68
N PRO B 159 -9.88 -38.66 16.29
CA PRO B 159 -9.42 -38.84 14.91
C PRO B 159 -9.50 -40.29 14.38
N ASN B 160 -9.32 -40.41 13.07
CA ASN B 160 -9.20 -41.70 12.39
C ASN B 160 -10.33 -42.66 12.77
N GLY B 161 -11.55 -42.15 12.82
CA GLY B 161 -12.69 -42.99 13.13
C GLY B 161 -13.92 -42.45 12.43
N GLN B 162 -15.03 -43.20 12.55
CA GLN B 162 -16.27 -42.75 11.94
C GLN B 162 -17.43 -43.12 12.85
N PHE B 163 -18.60 -42.56 12.54
CA PHE B 163 -19.78 -42.81 13.36
C PHE B 163 -21.03 -42.67 12.48
N VAL B 164 -21.94 -43.63 12.60
CA VAL B 164 -23.10 -43.74 11.72
C VAL B 164 -24.35 -43.48 12.54
N ILE B 165 -25.28 -42.71 11.97
CA ILE B 165 -26.57 -42.45 12.59
C ILE B 165 -27.65 -42.97 11.64
N THR B 166 -28.33 -44.03 12.03
CA THR B 166 -29.43 -44.55 11.22
C THR B 166 -30.69 -43.71 11.42
N PRO B 167 -31.58 -43.71 10.44
CA PRO B 167 -32.89 -43.06 10.66
C PRO B 167 -33.56 -43.48 11.95
N ALA B 168 -33.45 -44.76 12.32
CA ALA B 168 -34.04 -45.23 13.57
C ALA B 168 -33.40 -44.56 14.79
N GLU B 169 -32.10 -44.26 14.72
CA GLU B 169 -31.38 -43.70 15.86
C GLU B 169 -31.58 -42.19 16.04
N VAL B 170 -32.07 -41.47 15.01
CA VAL B 170 -32.13 -40.01 15.09
C VAL B 170 -32.90 -39.51 16.31
N PRO B 171 -34.11 -40.00 16.61
CA PRO B 171 -34.85 -39.41 17.74
C PRO B 171 -34.08 -39.46 19.06
N ALA B 172 -33.46 -40.60 19.39
CA ALA B 172 -32.67 -40.70 20.61
C ALA B 172 -31.44 -39.81 20.55
N PHE B 173 -30.78 -39.76 19.39
CA PHE B 173 -29.60 -38.93 19.24
C PHE B 173 -29.93 -37.45 19.41
N LEU B 174 -31.13 -37.04 19.01
CA LEU B 174 -31.55 -35.64 19.10
C LEU B 174 -31.81 -35.23 20.55
N GLN B 175 -32.49 -36.07 21.32
CA GLN B 175 -33.09 -35.65 22.59
C GLN B 175 -32.07 -34.93 23.48
N THR B 176 -30.82 -35.37 23.42
CA THR B 176 -29.78 -34.86 24.29
C THR B 176 -28.76 -34.01 23.55
N LEU B 177 -28.95 -33.79 22.26
CA LEU B 177 -27.98 -33.08 21.43
C LEU B 177 -27.86 -31.62 21.84
N PRO B 178 -26.71 -31.15 22.32
CA PRO B 178 -26.57 -29.72 22.62
C PRO B 178 -26.72 -28.90 21.36
N LEU B 179 -27.53 -27.84 21.45
CA LEU B 179 -27.79 -27.01 20.27
C LEU B 179 -26.49 -26.47 19.69
N ALA B 180 -25.53 -26.13 20.55
CA ALA B 180 -24.25 -25.59 20.11
C ALA B 180 -23.49 -26.54 19.18
N LYS B 181 -23.83 -27.84 19.18
CA LYS B 181 -23.23 -28.77 18.23
C LYS B 181 -23.73 -28.56 16.80
N ILE B 182 -24.87 -27.89 16.64
CA ILE B 182 -25.44 -27.68 15.32
C ILE B 182 -24.59 -26.67 14.56
N PRO B 183 -24.06 -27.03 13.39
CA PRO B 183 -23.30 -26.03 12.62
C PRO B 183 -24.19 -24.85 12.29
N GLY B 184 -23.67 -23.67 12.55
CA GLY B 184 -24.42 -22.44 12.45
C GLY B 184 -24.88 -21.89 13.78
N VAL B 185 -24.90 -22.72 14.83
CA VAL B 185 -25.24 -22.27 16.18
C VAL B 185 -23.92 -21.96 16.87
N GLY B 186 -23.49 -20.71 16.79
CA GLY B 186 -22.24 -20.27 17.36
C GLY B 186 -22.40 -19.75 18.78
N LYS B 187 -21.34 -19.10 19.26
CA LYS B 187 -21.25 -18.66 20.64
C LYS B 187 -22.42 -17.75 21.02
N VAL B 188 -22.71 -16.76 20.17
CA VAL B 188 -23.74 -15.77 20.51
C VAL B 188 -25.12 -16.42 20.50
N SER B 189 -25.41 -17.26 19.49
CA SER B 189 -26.73 -17.87 19.44
C SER B 189 -26.93 -18.86 20.58
N ALA B 190 -25.90 -19.69 20.87
CA ALA B 190 -26.02 -20.67 21.94
C ALA B 190 -26.25 -19.99 23.29
N ALA B 191 -25.60 -18.85 23.51
CA ALA B 191 -25.79 -18.12 24.76
C ALA B 191 -27.18 -17.51 24.83
N LYS B 192 -27.69 -16.98 23.71
CA LYS B 192 -29.05 -16.44 23.72
C LYS B 192 -30.06 -17.55 24.00
N LEU B 193 -29.85 -18.74 23.44
CA LEU B 193 -30.71 -19.87 23.73
C LEU B 193 -30.64 -20.27 25.21
N GLU B 194 -29.41 -20.44 25.72
CA GLU B 194 -29.23 -20.80 27.13
C GLU B 194 -29.94 -19.81 28.05
N ALA B 195 -29.96 -18.53 27.68
CA ALA B 195 -30.59 -17.50 28.51
C ALA B 195 -32.10 -17.73 28.63
N MET B 196 -32.72 -18.36 27.64
CA MET B 196 -34.13 -18.69 27.70
C MET B 196 -34.37 -20.17 28.01
N GLY B 197 -33.38 -20.83 28.62
CA GLY B 197 -33.54 -22.20 29.05
C GLY B 197 -33.48 -23.26 27.97
N LEU B 198 -32.98 -22.93 26.77
CA LEU B 198 -32.86 -23.89 25.69
C LEU B 198 -31.41 -24.32 25.57
N ARG B 199 -31.13 -25.58 25.87
CA ARG B 199 -29.77 -26.10 25.76
C ARG B 199 -29.62 -27.22 24.75
N THR B 200 -30.63 -28.07 24.60
CA THR B 200 -30.55 -29.26 23.76
C THR B 200 -31.65 -29.23 22.71
N CYS B 201 -31.49 -30.07 21.67
CA CYS B 201 -32.58 -30.24 20.71
C CYS B 201 -33.86 -30.67 21.40
N GLY B 202 -33.75 -31.52 22.43
CA GLY B 202 -34.94 -31.94 23.17
C GLY B 202 -35.70 -30.76 23.74
N ASP B 203 -34.97 -29.77 24.28
CA ASP B 203 -35.60 -28.55 24.78
C ASP B 203 -36.37 -27.82 23.69
N VAL B 204 -35.78 -27.71 22.49
CA VAL B 204 -36.40 -26.94 21.40
C VAL B 204 -37.62 -27.65 20.83
N GLN B 205 -37.66 -28.98 20.85
CA GLN B 205 -38.82 -29.72 20.37
C GLN B 205 -40.08 -29.36 21.16
N LYS B 206 -39.92 -28.93 22.41
CA LYS B 206 -41.05 -28.73 23.29
C LYS B 206 -41.60 -27.30 23.23
N CYS B 207 -41.10 -26.44 22.35
CA CYS B 207 -41.56 -25.06 22.35
C CYS B 207 -42.07 -24.64 20.97
N ASP B 208 -42.72 -23.48 20.96
CA ASP B 208 -43.56 -23.04 19.86
C ASP B 208 -42.74 -22.52 18.68
N LEU B 209 -43.13 -22.93 17.47
CA LEU B 209 -42.45 -22.45 16.27
C LEU B 209 -42.65 -20.94 16.11
N VAL B 210 -43.85 -20.44 16.38
CA VAL B 210 -44.09 -18.98 16.29
C VAL B 210 -43.16 -18.24 17.24
N MET B 211 -43.01 -18.75 18.47
CA MET B 211 -42.11 -18.09 19.42
C MET B 211 -40.69 -18.04 18.88
N LEU B 212 -40.21 -19.15 18.28
CA LEU B 212 -38.86 -19.17 17.73
C LEU B 212 -38.72 -18.21 16.54
N LEU B 213 -39.76 -18.11 15.70
CA LEU B 213 -39.72 -17.14 14.62
C LEU B 213 -39.67 -15.71 15.16
N LYS B 214 -40.40 -15.44 16.24
CA LYS B 214 -40.42 -14.10 16.82
C LYS B 214 -39.03 -13.68 17.28
N ARG B 215 -38.37 -14.53 18.05
CA ARG B 215 -37.10 -14.15 18.67
C ARG B 215 -35.89 -14.41 17.79
N PHE B 216 -36.01 -15.21 16.73
CA PHE B 216 -34.85 -15.55 15.92
C PHE B 216 -35.00 -15.33 14.43
N GLY B 217 -36.21 -15.07 13.92
CA GLY B 217 -36.37 -14.91 12.49
C GLY B 217 -36.18 -16.24 11.76
N LYS B 218 -35.58 -16.17 10.55
CA LYS B 218 -35.36 -17.39 9.78
C LYS B 218 -34.59 -18.42 10.57
N PHE B 219 -33.57 -17.99 11.31
CA PHE B 219 -32.79 -18.90 12.14
C PHE B 219 -33.68 -19.66 13.12
N GLY B 220 -34.77 -19.04 13.57
CA GLY B 220 -35.71 -19.75 14.44
C GLY B 220 -36.40 -20.91 13.75
N ARG B 221 -36.60 -20.83 12.43
CA ARG B 221 -37.13 -21.96 11.70
C ARG B 221 -36.09 -23.05 11.55
N ILE B 222 -34.86 -22.67 11.21
CA ILE B 222 -33.77 -23.65 11.10
C ILE B 222 -33.59 -24.40 12.42
N LEU B 223 -33.58 -23.65 13.53
CA LEU B 223 -33.49 -24.29 14.85
C LEU B 223 -34.67 -25.23 15.08
N TRP B 224 -35.87 -24.83 14.66
CA TRP B 224 -37.03 -25.69 14.87
C TRP B 224 -36.91 -26.98 14.06
N GLU B 225 -36.44 -26.88 12.81
CA GLU B 225 -36.28 -28.06 11.97
C GLU B 225 -35.19 -28.98 12.52
N ARG B 226 -33.98 -28.44 12.72
CA ARG B 226 -32.85 -29.31 13.06
C ARG B 226 -33.13 -30.08 14.34
N SER B 227 -33.83 -29.46 15.30
CA SER B 227 -34.15 -30.13 16.56
C SER B 227 -35.00 -31.38 16.36
N GLN B 228 -35.57 -31.57 15.18
CA GLN B 228 -36.32 -32.77 14.84
C GLN B 228 -35.65 -33.57 13.75
N GLY B 229 -34.35 -33.35 13.52
CA GLY B 229 -33.70 -34.07 12.45
C GLY B 229 -34.16 -33.69 11.07
N ILE B 230 -34.92 -32.59 10.93
CA ILE B 230 -35.32 -32.12 9.61
C ILE B 230 -34.21 -31.25 9.04
N ASP B 231 -33.79 -31.57 7.82
CA ASP B 231 -32.74 -30.85 7.12
C ASP B 231 -32.73 -31.25 5.66
N GLU B 232 -33.54 -30.59 4.85
CA GLU B 232 -33.75 -30.93 3.45
C GLU B 232 -32.70 -30.37 2.52
N ARG B 233 -31.66 -29.72 3.04
CA ARG B 233 -30.61 -29.20 2.18
C ARG B 233 -30.01 -30.33 1.35
N ASP B 234 -30.14 -30.20 0.04
CA ASP B 234 -29.54 -31.12 -0.92
C ASP B 234 -28.04 -30.88 -1.04
N VAL B 235 -27.26 -31.97 -1.17
CA VAL B 235 -25.85 -31.85 -1.52
C VAL B 235 -25.74 -31.20 -2.88
N ASN B 236 -24.88 -30.19 -3.00
CA ASN B 236 -24.79 -29.38 -4.21
C ASN B 236 -23.35 -29.37 -4.69
N SER B 237 -23.12 -30.00 -5.83
CA SER B 237 -21.80 -30.07 -6.44
C SER B 237 -21.52 -28.90 -7.38
N GLU B 238 -22.43 -27.92 -7.48
CA GLU B 238 -22.33 -26.87 -8.49
C GLU B 238 -22.10 -25.48 -7.89
N ARG B 239 -21.63 -25.39 -6.65
CA ARG B 239 -21.42 -24.10 -6.03
C ARG B 239 -20.14 -23.44 -6.53
N LEU B 240 -20.21 -22.12 -6.75
CA LEU B 240 -19.05 -21.34 -7.15
C LEU B 240 -18.78 -20.27 -6.11
N ARG B 241 -17.49 -19.93 -5.96
CA ARG B 241 -17.07 -18.75 -5.23
C ARG B 241 -17.80 -17.49 -5.74
N LYS B 242 -18.22 -16.64 -4.79
CA LYS B 242 -18.91 -15.39 -5.10
C LYS B 242 -18.09 -14.14 -4.79
N SER B 243 -17.00 -14.25 -4.04
CA SER B 243 -16.19 -13.09 -3.71
C SER B 243 -14.72 -13.48 -3.68
N VAL B 244 -13.86 -12.47 -3.74
CA VAL B 244 -12.41 -12.64 -3.67
C VAL B 244 -11.82 -11.45 -2.94
N GLY B 245 -10.99 -11.71 -1.94
CA GLY B 245 -10.43 -10.64 -1.14
C GLY B 245 -8.99 -10.91 -0.80
N VAL B 246 -8.25 -9.82 -0.59
CA VAL B 246 -6.90 -9.86 -0.05
C VAL B 246 -6.83 -8.83 1.08
N GLU B 247 -6.21 -9.19 2.20
CA GLU B 247 -6.13 -8.28 3.35
C GLU B 247 -4.93 -8.64 4.21
N ARG B 248 -4.39 -7.63 4.88
CA ARG B 248 -3.23 -7.82 5.75
C ARG B 248 -3.38 -7.06 7.05
N THR B 249 -3.04 -7.73 8.16
CA THR B 249 -2.87 -7.08 9.46
C THR B 249 -1.40 -6.74 9.63
N MET B 250 -1.12 -5.45 9.85
CA MET B 250 0.25 -4.97 9.99
C MET B 250 0.78 -5.24 11.40
N ALA B 251 2.11 -5.38 11.50
CA ALA B 251 2.74 -5.59 12.81
C ALA B 251 2.51 -4.42 13.75
N GLU B 252 2.39 -3.20 13.22
CA GLU B 252 2.12 -2.02 14.02
C GLU B 252 0.98 -1.25 13.36
N ASP B 253 0.16 -0.58 14.17
CA ASP B 253 -0.91 0.23 13.59
C ASP B 253 -0.34 1.35 12.72
N ILE B 254 -1.05 1.68 11.64
CA ILE B 254 -0.65 2.83 10.83
C ILE B 254 -1.48 4.04 11.22
N HIS B 255 -0.91 5.23 11.02
CA HIS B 255 -1.57 6.48 11.35
C HIS B 255 -1.51 7.52 10.26
N HIS B 256 -0.86 7.23 9.12
CA HIS B 256 -0.75 8.20 8.02
C HIS B 256 -1.40 7.62 6.77
N TRP B 257 -2.14 8.47 6.06
CA TRP B 257 -2.80 8.03 4.83
C TRP B 257 -1.78 7.42 3.86
N SER B 258 -0.58 8.01 3.76
CA SER B 258 0.41 7.49 2.82
C SER B 258 0.77 6.04 3.12
N GLU B 259 0.71 5.63 4.40
CA GLU B 259 0.95 4.23 4.72
C GLU B 259 -0.20 3.36 4.24
N CYS B 260 -1.43 3.86 4.33
CA CYS B 260 -2.57 3.10 3.82
C CYS B 260 -2.45 2.88 2.32
N GLU B 261 -2.16 3.96 1.59
CA GLU B 261 -2.02 3.86 0.15
C GLU B 261 -0.90 2.90 -0.23
N ALA B 262 0.21 2.98 0.49
CA ALA B 262 1.35 2.11 0.17
C ALA B 262 0.99 0.65 0.39
N ILE B 263 0.20 0.35 1.43
CA ILE B 263 -0.24 -1.01 1.63
C ILE B 263 -1.19 -1.44 0.52
N ILE B 264 -2.07 -0.55 0.07
CA ILE B 264 -2.97 -0.87 -1.04
C ILE B 264 -2.17 -1.23 -2.28
N GLU B 265 -1.10 -0.47 -2.56
CA GLU B 265 -0.27 -0.76 -3.73
C GLU B 265 0.31 -2.15 -3.65
N ARG B 266 0.68 -2.61 -2.44
CA ARG B 266 1.19 -3.96 -2.27
C ARG B 266 0.07 -5.00 -2.37
N LEU B 267 -1.14 -4.66 -1.92
CA LEU B 267 -2.22 -5.63 -1.96
C LEU B 267 -2.78 -5.82 -3.37
N TYR B 268 -2.78 -4.77 -4.17
CA TYR B 268 -3.54 -4.84 -5.42
C TYR B 268 -3.05 -5.90 -6.40
N PRO B 269 -1.75 -6.11 -6.62
CA PRO B 269 -1.35 -7.12 -7.62
C PRO B 269 -1.78 -8.53 -7.23
N GLU B 270 -1.78 -8.83 -5.93
CA GLU B 270 -2.23 -10.15 -5.48
C GLU B 270 -3.72 -10.35 -5.75
N LEU B 271 -4.53 -9.32 -5.49
CA LEU B 271 -5.96 -9.44 -5.80
C LEU B 271 -6.18 -9.68 -7.29
N GLU B 272 -5.34 -9.07 -8.13
CA GLU B 272 -5.50 -9.23 -9.57
C GLU B 272 -5.18 -10.65 -10.01
N ARG B 273 -4.04 -11.20 -9.56
CA ARG B 273 -3.70 -12.59 -9.81
C ARG B 273 -4.87 -13.51 -9.49
N ARG B 274 -5.43 -13.39 -8.28
CA ARG B 274 -6.44 -14.35 -7.85
C ARG B 274 -7.74 -14.17 -8.61
N LEU B 275 -8.15 -12.92 -8.85
CA LEU B 275 -9.34 -12.69 -9.66
C LEU B 275 -9.14 -13.19 -11.08
N ALA B 276 -7.90 -13.12 -11.58
CA ALA B 276 -7.62 -13.52 -12.96
C ALA B 276 -7.81 -15.02 -13.16
N LYS B 277 -7.48 -15.81 -12.13
CA LYS B 277 -7.61 -17.26 -12.24
C LYS B 277 -9.04 -17.68 -12.52
N VAL B 278 -10.02 -17.03 -11.88
CA VAL B 278 -11.42 -17.43 -12.01
C VAL B 278 -12.23 -16.50 -12.90
N LYS B 279 -11.67 -15.36 -13.32
CA LYS B 279 -12.31 -14.52 -14.33
C LYS B 279 -11.22 -13.73 -15.04
N PRO B 280 -10.69 -14.28 -16.13
CA PRO B 280 -9.52 -13.65 -16.79
C PRO B 280 -9.75 -12.21 -17.21
N ASP B 281 -10.98 -11.81 -17.55
CA ASP B 281 -11.26 -10.46 -18.02
C ASP B 281 -11.55 -9.47 -16.89
N LEU B 282 -11.46 -9.91 -15.63
CA LEU B 282 -11.51 -9.03 -14.45
C LEU B 282 -12.83 -8.28 -14.32
N LEU B 283 -13.89 -8.73 -14.99
CA LEU B 283 -15.17 -8.07 -14.89
C LEU B 283 -15.90 -8.56 -13.64
N ILE B 284 -16.51 -7.63 -12.89
CA ILE B 284 -17.04 -7.90 -11.55
C ILE B 284 -18.34 -7.11 -11.36
N ALA B 285 -19.00 -7.36 -10.22
CA ALA B 285 -20.20 -6.63 -9.82
C ALA B 285 -19.91 -5.48 -8.87
N ARG B 286 -19.05 -5.72 -7.87
CA ARG B 286 -18.73 -4.75 -6.84
C ARG B 286 -17.24 -4.87 -6.51
N GLN B 287 -16.71 -3.80 -5.92
CA GLN B 287 -15.38 -3.84 -5.33
C GLN B 287 -15.32 -2.79 -4.24
N GLY B 288 -14.36 -2.96 -3.34
CA GLY B 288 -14.25 -2.05 -2.23
C GLY B 288 -13.11 -2.44 -1.32
N VAL B 289 -13.09 -1.81 -0.15
CA VAL B 289 -11.95 -1.86 0.74
C VAL B 289 -12.47 -2.19 2.14
N LYS B 290 -11.54 -2.57 3.00
CA LYS B 290 -11.80 -2.83 4.41
C LYS B 290 -10.72 -2.16 5.24
N LEU B 291 -11.13 -1.52 6.35
CA LEU B 291 -10.21 -1.02 7.37
C LEU B 291 -10.63 -1.61 8.71
N LYS B 292 -9.64 -2.03 9.50
CA LYS B 292 -9.88 -2.44 10.88
C LYS B 292 -9.02 -1.59 11.80
N PHE B 293 -9.64 -1.03 12.84
CA PHE B 293 -8.98 -0.03 13.64
C PHE B 293 -8.38 -0.68 14.90
N ASP B 294 -7.70 0.15 15.70
CA ASP B 294 -6.97 -0.35 16.86
C ASP B 294 -7.88 -0.88 17.96
N ASP B 295 -9.16 -0.53 17.96
CA ASP B 295 -10.11 -1.06 18.92
C ASP B 295 -10.80 -2.31 18.40
N PHE B 296 -10.35 -2.83 17.26
CA PHE B 296 -10.88 -4.00 16.60
C PHE B 296 -12.22 -3.73 15.92
N GLN B 297 -12.72 -2.49 15.93
CA GLN B 297 -13.84 -2.16 15.08
C GLN B 297 -13.37 -2.21 13.63
N GLN B 298 -14.25 -2.63 12.74
CA GLN B 298 -13.87 -2.64 11.33
C GLN B 298 -15.01 -2.08 10.47
N THR B 299 -14.63 -1.60 9.29
CA THR B 299 -15.60 -1.03 8.36
C THR B 299 -15.23 -1.48 6.96
N THR B 300 -16.26 -1.69 6.14
CA THR B 300 -16.09 -1.99 4.72
C THR B 300 -16.81 -0.91 3.93
N GLN B 301 -16.24 -0.56 2.79
CA GLN B 301 -16.89 0.39 1.88
C GLN B 301 -16.73 -0.18 0.48
N GLU B 302 -17.84 -0.62 -0.11
CA GLU B 302 -17.84 -1.24 -1.42
C GLU B 302 -18.92 -0.58 -2.26
N HIS B 303 -18.83 -0.77 -3.57
CA HIS B 303 -19.81 -0.15 -4.47
C HIS B 303 -19.85 -0.89 -5.79
N VAL B 304 -21.02 -0.82 -6.45
CA VAL B 304 -21.20 -1.28 -7.83
C VAL B 304 -20.02 -0.82 -8.66
N TRP B 305 -19.40 -1.74 -9.38
CA TRP B 305 -18.26 -1.38 -10.22
C TRP B 305 -18.04 -2.47 -11.25
N PRO B 306 -17.85 -2.12 -12.53
CA PRO B 306 -17.90 -3.13 -13.59
C PRO B 306 -16.64 -3.98 -13.73
N ARG B 307 -15.50 -3.50 -13.25
CA ARG B 307 -14.25 -4.20 -13.48
C ARG B 307 -13.23 -3.75 -12.45
N LEU B 308 -12.44 -4.72 -11.94
CA LEU B 308 -11.39 -4.47 -10.96
C LEU B 308 -10.58 -3.25 -11.37
N ASN B 309 -10.30 -2.36 -10.42
CA ASN B 309 -9.67 -1.09 -10.78
C ASN B 309 -8.93 -0.50 -9.59
N LYS B 310 -7.61 -0.36 -9.71
CA LYS B 310 -6.79 0.08 -8.57
C LYS B 310 -7.08 1.53 -8.21
N ALA B 311 -7.15 2.42 -9.19
CA ALA B 311 -7.40 3.83 -8.90
C ALA B 311 -8.69 4.01 -8.11
N ASP B 312 -9.74 3.26 -8.44
CA ASP B 312 -11.02 3.40 -7.74
C ASP B 312 -10.94 2.82 -6.32
N LEU B 313 -10.17 1.75 -6.12
CA LEU B 313 -9.96 1.24 -4.77
C LEU B 313 -9.29 2.29 -3.89
N ILE B 314 -8.21 2.91 -4.40
CA ILE B 314 -7.47 3.92 -3.64
C ILE B 314 -8.34 5.13 -3.36
N ALA B 315 -9.12 5.56 -4.35
CA ALA B 315 -10.08 6.64 -4.13
C ALA B 315 -11.09 6.26 -3.05
N THR B 316 -11.59 5.02 -3.09
CA THR B 316 -12.56 4.57 -2.09
C THR B 316 -11.93 4.54 -0.71
N ALA B 317 -10.75 3.91 -0.59
CA ALA B 317 -10.04 3.89 0.67
C ALA B 317 -9.74 5.28 1.21
N ARG B 318 -9.50 6.29 0.35
CA ARG B 318 -9.30 7.63 0.89
C ARG B 318 -10.56 8.12 1.58
N LYS B 319 -11.74 7.81 1.01
CA LYS B 319 -13.00 8.16 1.65
C LYS B 319 -13.15 7.45 2.99
N THR B 320 -12.90 6.12 3.01
CA THR B 320 -13.02 5.36 4.25
C THR B 320 -12.09 5.91 5.32
N TRP B 321 -10.81 6.09 4.97
CA TRP B 321 -9.82 6.67 5.88
C TRP B 321 -10.26 8.04 6.40
N ASP B 322 -10.73 8.91 5.49
CA ASP B 322 -11.03 10.29 5.88
C ASP B 322 -12.30 10.37 6.71
N GLU B 323 -13.30 9.55 6.39
CA GLU B 323 -14.63 9.71 6.98
C GLU B 323 -14.93 8.76 8.15
N ARG B 324 -14.31 7.58 8.19
CA ARG B 324 -14.67 6.59 9.18
C ARG B 324 -13.57 6.26 10.17
N ARG B 325 -12.32 6.68 9.93
CA ARG B 325 -11.25 6.31 10.83
C ARG B 325 -11.41 6.97 12.21
N GLY B 326 -11.92 8.20 12.24
CA GLY B 326 -12.17 8.84 13.52
C GLY B 326 -10.92 9.08 14.33
N GLY B 327 -9.79 9.29 13.67
CA GLY B 327 -8.54 9.52 14.35
C GLY B 327 -7.87 8.28 14.89
N ARG B 328 -8.47 7.10 14.76
CA ARG B 328 -7.89 5.89 15.29
C ARG B 328 -6.74 5.36 14.43
N GLY B 329 -5.95 4.48 15.03
CA GLY B 329 -4.98 3.72 14.26
C GLY B 329 -5.66 2.59 13.48
N VAL B 330 -5.01 2.19 12.40
CA VAL B 330 -5.51 1.13 11.53
C VAL B 330 -4.56 -0.06 11.64
N ARG B 331 -5.11 -1.22 12.01
CA ARG B 331 -4.32 -2.44 12.10
C ARG B 331 -4.42 -3.32 10.86
N LEU B 332 -5.48 -3.17 10.05
CA LEU B 332 -5.66 -3.99 8.86
C LEU B 332 -6.19 -3.13 7.72
N VAL B 333 -5.74 -3.41 6.50
CA VAL B 333 -6.44 -2.91 5.32
C VAL B 333 -6.64 -4.07 4.35
N GLY B 334 -7.79 -4.09 3.70
CA GLY B 334 -8.13 -5.14 2.77
C GLY B 334 -8.79 -4.60 1.52
N LEU B 335 -8.70 -5.41 0.46
CA LEU B 335 -9.34 -5.11 -0.81
C LEU B 335 -10.35 -6.22 -1.09
N HIS B 336 -11.43 -5.87 -1.79
CA HIS B 336 -12.50 -6.84 -1.94
C HIS B 336 -13.22 -6.67 -3.27
N VAL B 337 -13.73 -7.79 -3.77
CA VAL B 337 -14.43 -7.88 -5.03
C VAL B 337 -15.58 -8.86 -4.84
N THR B 338 -16.74 -8.53 -5.40
CA THR B 338 -17.85 -9.47 -5.45
C THR B 338 -18.09 -9.82 -6.91
N LEU B 339 -18.21 -11.12 -7.21
CA LEU B 339 -18.31 -11.54 -8.61
C LEU B 339 -19.73 -11.33 -9.15
N LEU B 340 -19.89 -11.54 -10.46
CA LEU B 340 -21.18 -11.52 -11.13
C LEU B 340 -21.91 -12.84 -10.93
N ASP B 341 -23.27 -12.81 -11.11
CA ASP B 341 -24.10 -13.91 -10.66
C ASP B 341 -24.00 -15.16 -11.54
N PRO B 342 -24.32 -15.11 -12.85
CA PRO B 342 -24.34 -16.41 -13.55
C PRO B 342 -23.09 -16.66 -14.38
MG MG G . 23.55 24.35 -6.93
MG MG H . 21.06 23.96 -8.97
P1 DPO I . 23.32 23.89 -3.62
O1 DPO I . 23.49 24.92 -4.70
O2 DPO I . 22.27 22.86 -3.93
O3 DPO I . 23.00 24.65 -2.35
O4 DPO I . 24.74 23.10 -3.44
P2 DPO I . 25.43 22.20 -4.62
O5 DPO I . 26.87 22.61 -4.66
O6 DPO I . 25.29 20.74 -4.23
O7 DPO I . 24.75 22.47 -5.95
MG MG J . -10.68 -31.08 9.88
MG MG K . -12.81 -29.57 8.02
P1 DPO L . -8.41 -29.45 11.99
O1 DPO L . -7.03 -28.83 12.10
O2 DPO L . -8.59 -30.01 10.61
O3 DPO L . -9.46 -28.39 12.30
O4 DPO L . -8.56 -30.66 13.08
P2 DPO L . -9.97 -31.38 13.52
O5 DPO L . -10.32 -30.95 14.93
O6 DPO L . -9.78 -32.88 13.47
O7 DPO L . -11.09 -30.97 12.56
PA TTP M . 20.46 23.07 -5.67
O1A TTP M . 21.60 23.58 -6.81
O2A TTP M . 20.01 21.77 -5.21
O3A TTP M . 21.83 22.53 -4.88
PB TTP M . 22.84 23.52 -3.99
O1B TTP M . 23.27 24.72 -4.78
O2B TTP M . 22.18 23.97 -2.71
O3B TTP M . 24.17 22.66 -3.59
PG TTP M . 25.16 21.97 -4.72
O1G TTP M . 26.55 22.52 -4.54
O2G TTP M . 25.12 20.48 -4.44
O3G TTP M . 24.66 22.27 -6.11
O5' TTP M . 19.84 24.37 -4.84
C5' TTP M . 20.07 25.68 -5.27
C4' TTP M . 19.41 26.45 -4.09
O4' TTP M . 18.18 26.01 -4.03
C3' TTP M . 20.03 25.81 -2.78
O3' TTP M . 21.22 26.36 -2.37
C2' TTP M . 18.94 25.86 -1.76
C1' TTP M . 17.81 25.72 -2.49
N1 TTP M . 17.27 24.40 -2.27
C2 TTP M . 16.22 24.31 -1.44
O2 TTP M . 15.77 25.29 -0.94
N3 TTP M . 15.67 23.13 -1.17
C4 TTP M . 16.13 22.00 -1.71
O4 TTP M . 15.62 20.95 -1.44
C5 TTP M . 17.24 22.06 -2.56
C5M TTP M . 17.80 20.78 -3.19
C6 TTP M . 17.81 23.32 -2.84
PA TTP N . -11.04 -27.65 10.30
O1A TTP N . -11.62 -26.84 11.38
O2A TTP N . -11.29 -29.20 9.72
O3A TTP N . -10.41 -28.48 11.64
PB TTP N . -8.91 -29.28 11.73
O1B TTP N . -7.73 -28.35 11.84
O2B TTP N . -8.71 -30.19 10.54
O3B TTP N . -8.91 -30.22 13.09
PG TTP N . -9.97 -31.48 13.26
O1G TTP N . -10.61 -31.35 14.64
O2G TTP N . -11.02 -31.40 12.17
O3G TTP N . -9.22 -32.79 13.15
O5' TTP N . -9.76 -26.92 9.55
C5' TTP N . -9.02 -27.57 8.53
C4' TTP N . -7.86 -26.55 8.29
O4' TTP N . -8.44 -25.39 8.24
C3' TTP N . -7.03 -26.48 9.61
O3' TTP N . -6.10 -27.48 9.74
C2' TTP N . -6.49 -25.08 9.59
C1' TTP N . -7.46 -24.34 8.96
N1 TTP N . -8.21 -23.54 9.91
C2 TTP N . -7.92 -22.25 10.03
O2 TTP N . -7.05 -21.73 9.36
N3 TTP N . -8.57 -21.48 10.90
C4 TTP N . -9.52 -21.94 11.69
O4 TTP N . -10.08 -21.19 12.46
C5 TTP N . -9.85 -23.31 11.58
C5M TTP N . -10.97 -23.91 12.48
C6 TTP N . -9.15 -24.09 10.66
#